data_4GZ8
#
_entry.id   4GZ8
#
_cell.length_a   97.630
_cell.length_b   126.170
_cell.length_c   161.480
_cell.angle_alpha   90.00
_cell.angle_beta   90.00
_cell.angle_gamma   90.00
#
_symmetry.space_group_name_H-M   'P 21 21 21'
#
loop_
_entity.id
_entity.type
_entity.pdbx_description
1 polymer Semaphorin-3A
2 branched alpha-D-mannopyranose-(1-3)-beta-D-mannopyranose-(1-4)-2-acetamido-2-deoxy-beta-D-glucopyranose-(1-4)-2-acetamido-2-deoxy-beta-D-glucopyranose
3 branched 2-acetamido-2-deoxy-beta-D-glucopyranose-(1-4)-2-acetamido-2-deoxy-beta-D-glucopyranose
4 branched alpha-D-mannopyranose-(1-6)-beta-D-mannopyranose-(1-4)-2-acetamido-2-deoxy-beta-D-glucopyranose-(1-4)-2-acetamido-2-deoxy-beta-D-glucopyranose
5 non-polymer 'CALCIUM ION'
6 non-polymer 'ACETATE ION'
7 non-polymer 2-acetamido-2-deoxy-beta-D-glucopyranose
#
_entity_poly.entity_id   1
_entity_poly.type   'polypeptide(L)'
_entity_poly.pdbx_seq_one_letter_code
;ETGNYANGKNNVPRLKLSYKEMLESNNVITFNGLANSSSYHTFLLDEERSRLYVGAKDHIFSFNLVNIKDFQKIVWPVSY
TRRDECKWAGKDILKECANFIKVLEAYNQTHLYACGTGAFHPICTYIEVGHHPEDNIFKLQDSHFENGRGKSPYDPKLLT
ASLLIDGELYSGTAADFMGRDFAIFRTLGHHHPIRTEQHDSRWLNDPRFISAHLIPESDNPEDDKVYFFFRENAIDGEHS
GKATHARIGQICKNDFGGHRSLVNKWTTFLKARLICSVPGPNGIDTHFDELQDVFLMNSKDPKNPIVYGVFTTSSNIFKG
SAVCMYSMSDVRRVFLGPYAHRDGPNYQWVPYQGRVPYPRPGTCPSKTFGGFDSTKDLPDDVITFARSHPAMYNPVFPIN
NRPIMIKTDVNYQFTQIVVDRVDAEDGQYDVMFIGTDVGTVLKVVSVPKETWHDLEEVLLEEMTVFREPTTISAMELSTK
QQQLYIGSTAGVAQLPLHRCDIYGKACAECCLARDPYCAWDGSSCSRYFPTAKARTRAQDIRNGDPLTHCSD(UNK)
(UNK)(UNK)(UNK)(UNK)(UNK)(UNK)(UNK)(UNK)(UNK)(UNK)(UNK)(UNK)(UNK)(UNK)(UNK)(UNK)
(UNK)(UNK)(UNK)(UNK)(UNK)(UNK)(UNK)(UNK)(UNK)(UNK)(UNK)(UNK)(UNK)(UNK)(UNK)(UNK)
(UNK)(UNK)(UNK)(UNK)(UNK)(UNK)(UNK)(UNK)(UNK)(UNK)(UNK)(UNK)(UNK)(UNK)(UNK)(UNK)
(UNK)(UNK)(UNK)(UNK)(UNK)(UNK)(UNK)(UNK)(UNK)(UNK)(UNK)(UNK)(UNK)(UNK)(UNK)(UNK)
(UNK)(UNK)(UNK)(UNK)(UNK)(UNK)(UNK)(UNK)(UNK)(UNK)(UNK)(UNK)(UNK)(UNK)(UNK)(UNK)
(UNK)(UNK)(UNK)(UNK)(UNK)(UNK)(UNK)(UNK)(UNK)(UNK)(UNK)(UNK)(UNK)(UNK)(UNK)(UNK)
(UNK)(UNK)(UNK)(UNK)(UNK)(UNK)(UNK)(UNK)(UNK)(UNK)(UNK)(UNK)(UNK)(UNK)(UNK)(UNK)
(UNK)(UNK)
;
_entity_poly.pdbx_strand_id   A,B
#
loop_
_chem_comp.id
_chem_comp.type
_chem_comp.name
_chem_comp.formula
ACT non-polymer 'ACETATE ION' 'C2 H3 O2 -1'
BMA D-saccharide, beta linking beta-D-mannopyranose 'C6 H12 O6'
CA non-polymer 'CALCIUM ION' 'Ca 2'
MAN D-saccharide, alpha linking alpha-D-mannopyranose 'C6 H12 O6'
NAG D-saccharide, beta linking 2-acetamido-2-deoxy-beta-D-glucopyranose 'C8 H15 N O6'
#
# COMPACT_ATOMS: atom_id res chain seq x y z
N ASN A 10 12.43 0.30 10.51
CA ASN A 10 11.35 -0.14 11.48
C ASN A 10 11.87 -0.43 12.92
N ASN A 11 11.53 0.41 13.91
CA ASN A 11 12.06 0.26 15.28
C ASN A 11 11.16 0.81 16.37
N VAL A 12 11.48 0.44 17.61
CA VAL A 12 10.98 1.16 18.77
C VAL A 12 12.03 2.22 19.18
N PRO A 13 11.61 3.50 19.37
CA PRO A 13 12.59 4.46 19.87
C PRO A 13 13.08 4.06 21.25
N ARG A 14 14.37 4.19 21.49
CA ARG A 14 14.91 3.88 22.81
C ARG A 14 14.30 4.84 23.84
N LEU A 15 14.54 6.13 23.65
CA LEU A 15 13.99 7.15 24.55
C LEU A 15 12.89 7.93 23.89
N LYS A 16 11.94 8.39 24.69
CA LYS A 16 10.85 9.17 24.18
C LYS A 16 10.58 10.40 25.07
N LEU A 17 10.88 11.59 24.56
CA LEU A 17 10.68 12.81 25.31
C LEU A 17 9.47 13.60 24.80
N SER A 18 8.48 13.78 25.68
CA SER A 18 7.32 14.58 25.38
C SER A 18 7.75 16.01 25.43
N TYR A 19 6.89 16.89 24.97
CA TYR A 19 7.26 18.29 24.84
C TYR A 19 7.66 18.82 26.21
N LYS A 20 6.88 18.45 27.21
CA LYS A 20 7.10 18.94 28.54
C LYS A 20 8.44 18.46 29.09
N GLU A 21 8.73 17.17 28.96
CA GLU A 21 10.03 16.67 29.42
C GLU A 21 11.12 17.56 28.84
N MET A 22 10.98 17.91 27.57
CA MET A 22 11.98 18.65 26.79
C MET A 22 12.22 20.05 27.32
N LEU A 23 11.14 20.79 27.46
CA LEU A 23 11.17 22.18 27.90
C LEU A 23 11.61 22.32 29.36
N GLU A 24 11.26 21.36 30.20
CA GLU A 24 11.69 21.39 31.58
C GLU A 24 13.18 21.08 31.68
N SER A 25 13.69 20.16 30.86
CA SER A 25 15.11 19.83 30.89
C SER A 25 15.94 20.67 29.90
N ASN A 26 15.44 21.84 29.52
CA ASN A 26 16.16 22.74 28.61
C ASN A 26 16.66 22.17 27.25
N ASN A 27 15.99 21.14 26.74
CA ASN A 27 16.25 20.70 25.36
C ASN A 27 15.70 21.64 24.32
N VAL A 28 14.50 22.19 24.52
CA VAL A 28 13.93 23.06 23.53
C VAL A 28 13.94 24.49 23.92
N ILE A 29 14.28 25.32 22.94
CA ILE A 29 14.04 26.75 22.99
C ILE A 29 12.95 27.01 21.94
N THR A 30 11.86 27.62 22.35
CA THR A 30 10.71 27.81 21.48
C THR A 30 10.44 29.25 21.09
N PHE A 31 10.08 29.42 19.84
CA PHE A 31 9.54 30.67 19.37
C PHE A 31 8.10 30.38 19.00
N ASN A 32 7.15 30.87 19.80
CA ASN A 32 5.72 30.71 19.48
C ASN A 32 5.30 31.65 18.37
N GLY A 33 6.16 32.60 18.02
CA GLY A 33 5.94 33.43 16.86
C GLY A 33 4.97 34.57 17.09
N LEU A 34 5.06 35.58 16.24
CA LEU A 34 4.16 36.72 16.28
C LEU A 34 2.70 36.32 16.05
N ALA A 35 1.82 37.00 16.77
CA ALA A 35 0.41 36.66 16.76
C ALA A 35 -0.23 37.06 15.44
N ASN A 36 0.38 38.00 14.72
CA ASN A 36 -0.09 38.38 13.40
C ASN A 36 0.71 37.71 12.29
N SER A 37 1.11 36.47 12.52
CA SER A 37 1.90 35.77 11.52
C SER A 37 1.79 34.27 11.64
N SER A 38 2.52 33.57 10.78
CA SER A 38 2.49 32.12 10.77
C SER A 38 3.49 31.61 9.74
N SER A 39 3.32 30.37 9.34
CA SER A 39 4.07 29.81 8.23
C SER A 39 5.56 30.15 8.28
N TYR A 40 6.22 29.69 9.35
CA TYR A 40 7.65 29.94 9.56
C TYR A 40 8.35 28.78 8.87
N HIS A 41 8.31 28.87 7.54
CA HIS A 41 8.62 27.75 6.68
C HIS A 41 9.88 27.93 5.88
N THR A 42 10.28 29.17 5.62
CA THR A 42 11.28 29.43 4.59
C THR A 42 12.65 29.76 5.22
N PHE A 43 13.46 28.73 5.44
CA PHE A 43 14.69 28.87 6.21
C PHE A 43 15.85 29.26 5.31
N LEU A 44 16.77 30.07 5.84
CA LEU A 44 18.09 30.28 5.22
C LEU A 44 19.13 30.37 6.34
N LEU A 45 20.01 29.37 6.41
CA LEU A 45 21.04 29.32 7.44
C LEU A 45 22.27 30.00 6.92
N ASP A 46 22.84 30.86 7.75
CA ASP A 46 24.03 31.61 7.42
C ASP A 46 24.97 31.47 8.61
N GLU A 47 25.90 30.51 8.52
CA GLU A 47 26.89 30.26 9.58
C GLU A 47 27.82 31.46 9.79
N GLU A 48 28.30 32.03 8.66
CA GLU A 48 29.24 33.15 8.63
C GLU A 48 28.87 34.21 9.64
N ARG A 49 27.70 34.83 9.46
CA ARG A 49 27.09 35.79 10.40
C ARG A 49 26.07 35.05 11.25
N SER A 50 26.41 34.54 12.42
CA SER A 50 25.75 33.33 12.93
C SER A 50 24.24 33.56 13.10
N ARG A 51 23.50 33.43 12.00
CA ARG A 51 22.07 33.72 12.03
C ARG A 51 21.25 32.82 11.14
N LEU A 52 20.02 32.57 11.57
CA LEU A 52 19.05 31.75 10.85
C LEU A 52 17.93 32.63 10.33
N TYR A 53 17.94 32.94 9.06
CA TYR A 53 16.93 33.81 8.49
C TYR A 53 15.71 32.99 8.22
N VAL A 54 14.52 33.54 8.46
CA VAL A 54 13.28 32.79 8.18
C VAL A 54 12.19 33.63 7.54
N GLY A 55 11.67 33.13 6.43
CA GLY A 55 10.57 33.75 5.72
C GLY A 55 9.24 33.26 6.26
N ALA A 56 8.36 34.20 6.61
CA ALA A 56 7.08 33.87 7.18
C ALA A 56 5.96 34.65 6.49
N LYS A 57 4.80 34.68 7.15
CA LYS A 57 3.65 35.49 6.71
C LYS A 57 3.90 36.93 7.12
N ASP A 58 4.15 37.80 6.12
CA ASP A 58 4.32 39.28 6.31
C ASP A 58 5.64 39.74 7.02
N HIS A 59 6.55 38.82 7.28
CA HIS A 59 7.79 39.14 7.95
C HIS A 59 8.93 38.26 7.44
N ILE A 60 10.16 38.70 7.66
CA ILE A 60 11.30 37.80 7.63
C ILE A 60 11.96 37.98 8.98
N PHE A 61 12.40 36.89 9.58
CA PHE A 61 13.06 36.94 10.87
C PHE A 61 14.53 36.68 10.68
N SER A 62 15.33 37.21 11.60
CA SER A 62 16.78 37.00 11.64
C SER A 62 17.15 36.46 13.01
N PHE A 63 17.19 35.15 13.14
CA PHE A 63 17.37 34.54 14.43
C PHE A 63 18.83 34.30 14.73
N ASN A 64 19.22 34.65 15.93
CA ASN A 64 20.53 34.34 16.45
C ASN A 64 20.69 32.84 16.64
N LEU A 65 21.70 32.27 15.99
CA LEU A 65 21.91 30.83 16.06
C LEU A 65 22.18 30.30 17.47
N VAL A 66 22.70 31.15 18.34
CA VAL A 66 23.01 30.75 19.73
C VAL A 66 21.75 30.50 20.56
N ASN A 67 20.71 31.26 20.23
CA ASN A 67 19.44 31.21 20.90
C ASN A 67 18.41 32.06 20.11
N ILE A 68 17.49 31.35 19.45
CA ILE A 68 16.52 31.98 18.55
C ILE A 68 15.58 32.94 19.24
N LYS A 69 15.60 33.03 20.58
CA LYS A 69 14.78 34.03 21.26
C LYS A 69 15.32 35.44 21.08
N ASP A 70 16.60 35.52 20.74
CA ASP A 70 17.22 36.78 20.36
C ASP A 70 17.13 36.93 18.83
N PHE A 71 16.30 37.88 18.38
CA PHE A 71 16.13 38.09 16.93
C PHE A 71 15.71 39.50 16.51
N GLN A 72 15.89 39.80 15.22
CA GLN A 72 15.34 41.00 14.60
C GLN A 72 14.32 40.54 13.60
N LYS A 73 13.54 41.48 13.08
CA LYS A 73 12.55 41.15 12.07
C LYS A 73 12.31 42.28 11.10
N ILE A 74 12.04 41.93 9.83
CA ILE A 74 11.59 42.87 8.80
C ILE A 74 10.10 42.71 8.57
N VAL A 75 9.37 43.81 8.55
CA VAL A 75 7.93 43.75 8.37
C VAL A 75 7.66 44.10 6.95
N TRP A 76 7.18 43.15 6.18
CA TRP A 76 7.03 43.36 4.76
C TRP A 76 5.73 42.75 4.24
N PRO A 77 4.58 43.38 4.54
CA PRO A 77 3.26 42.94 4.07
C PRO A 77 2.87 43.68 2.82
N VAL A 78 1.73 43.34 2.23
CA VAL A 78 1.24 44.05 1.05
C VAL A 78 0.32 45.22 1.43
N SER A 79 0.06 46.10 0.47
CA SER A 79 -0.76 47.29 0.68
C SER A 79 -2.22 46.96 0.98
N TYR A 80 -2.99 47.98 1.38
CA TYR A 80 -4.43 47.83 1.61
C TYR A 80 -5.07 47.47 0.28
N THR A 81 -4.83 48.30 -0.72
CA THR A 81 -5.22 48.02 -2.10
C THR A 81 -5.11 46.55 -2.46
N ARG A 82 -3.96 45.96 -2.18
CA ARG A 82 -3.71 44.60 -2.62
C ARG A 82 -4.46 43.61 -1.73
N ARG A 83 -4.42 43.79 -0.40
CA ARG A 83 -5.28 43.02 0.50
C ARG A 83 -6.69 42.99 -0.04
N ASP A 84 -7.16 44.13 -0.49
CA ASP A 84 -8.54 44.24 -0.92
C ASP A 84 -8.84 43.48 -2.22
N GLU A 85 -7.96 43.56 -3.24
CA GLU A 85 -8.14 42.77 -4.47
C GLU A 85 -8.22 41.31 -4.11
N CYS A 86 -7.25 40.85 -3.34
CA CYS A 86 -7.09 39.44 -3.00
C CYS A 86 -8.33 38.92 -2.33
N LYS A 87 -8.90 39.72 -1.43
CA LYS A 87 -10.14 39.37 -0.73
C LYS A 87 -11.22 39.08 -1.73
N TRP A 88 -11.45 40.03 -2.62
CA TRP A 88 -12.50 39.96 -3.61
C TRP A 88 -12.19 39.01 -4.76
N ALA A 89 -10.94 38.55 -4.81
CA ALA A 89 -10.57 37.40 -5.61
C ALA A 89 -11.13 36.12 -5.03
N GLY A 90 -11.70 36.20 -3.82
CA GLY A 90 -12.27 35.02 -3.18
C GLY A 90 -11.41 34.41 -2.08
N LYS A 91 -10.11 34.64 -2.15
CA LYS A 91 -9.14 33.99 -1.23
C LYS A 91 -9.33 34.22 0.29
N ASP A 92 -8.92 33.22 1.06
CA ASP A 92 -9.00 33.19 2.53
C ASP A 92 -8.17 34.30 3.14
N ILE A 93 -8.83 35.19 3.87
CA ILE A 93 -8.16 36.39 4.33
C ILE A 93 -6.90 36.14 5.19
N LEU A 94 -6.92 35.13 6.05
CA LEU A 94 -5.79 34.93 6.97
C LEU A 94 -4.70 34.03 6.40
N LYS A 95 -5.07 33.10 5.53
CA LYS A 95 -4.18 32.04 5.06
C LYS A 95 -3.64 32.28 3.66
N GLU A 96 -4.31 33.14 2.90
CA GLU A 96 -3.94 33.42 1.51
C GLU A 96 -3.68 34.90 1.26
N CYS A 97 -4.47 35.80 1.88
CA CYS A 97 -4.37 37.22 1.56
C CYS A 97 -3.28 37.97 2.32
N ALA A 98 -2.04 37.52 2.16
CA ALA A 98 -0.92 38.22 2.77
C ALA A 98 0.32 37.89 2.01
N ASN A 99 1.43 38.50 2.41
CA ASN A 99 2.72 38.22 1.79
C ASN A 99 3.45 37.10 2.52
N PHE A 100 3.23 35.87 2.04
CA PHE A 100 3.90 34.72 2.63
C PHE A 100 5.25 34.54 1.95
N ILE A 101 6.34 34.75 2.68
CA ILE A 101 7.62 34.64 2.01
C ILE A 101 7.85 33.21 1.64
N LYS A 102 8.31 32.98 0.41
CA LYS A 102 8.48 31.64 -0.14
C LYS A 102 9.89 31.35 -0.65
N VAL A 103 10.72 32.37 -0.74
CA VAL A 103 12.04 32.26 -1.33
C VAL A 103 12.91 33.22 -0.55
N LEU A 104 14.12 32.78 -0.17
CA LEU A 104 15.00 33.61 0.65
C LEU A 104 16.38 33.01 0.60
N GLU A 105 17.16 33.50 -0.34
CA GLU A 105 18.48 32.95 -0.59
C GLU A 105 19.47 34.13 -0.59
N ALA A 106 20.75 33.84 -0.36
CA ALA A 106 21.80 34.87 -0.45
C ALA A 106 21.93 35.39 -1.87
N TYR A 107 22.28 36.67 -2.02
CA TYR A 107 22.40 37.31 -3.34
C TYR A 107 23.82 37.74 -3.67
N ASN A 108 24.31 38.84 -3.08
CA ASN A 108 25.74 39.21 -3.17
C ASN A 108 26.31 39.17 -1.75
N GLN A 109 27.52 39.68 -1.51
CA GLN A 109 28.08 39.51 -0.15
C GLN A 109 27.36 40.38 0.88
N THR A 110 26.54 41.32 0.44
CA THR A 110 25.84 42.21 1.35
C THR A 110 24.32 42.13 1.24
N HIS A 111 23.79 41.19 0.46
CA HIS A 111 22.35 41.16 0.30
C HIS A 111 21.75 39.78 0.10
N LEU A 112 20.53 39.64 0.59
CA LEU A 112 19.68 38.52 0.32
C LEU A 112 18.66 38.94 -0.75
N TYR A 113 18.08 37.95 -1.43
CA TYR A 113 16.96 38.20 -2.33
C TYR A 113 15.79 37.47 -1.73
N ALA A 114 14.66 38.13 -1.63
CA ALA A 114 13.49 37.55 -0.96
C ALA A 114 12.23 37.71 -1.82
N CYS A 115 11.41 36.67 -1.87
CA CYS A 115 10.21 36.69 -2.67
C CYS A 115 9.08 36.09 -1.90
N GLY A 116 7.88 36.62 -2.10
CA GLY A 116 6.69 36.13 -1.43
C GLY A 116 5.43 36.18 -2.27
N THR A 117 4.53 35.23 -2.01
CA THR A 117 3.12 35.32 -2.33
C THR A 117 2.71 36.75 -2.06
N GLY A 118 2.18 37.48 -3.04
CA GLY A 118 1.85 38.87 -2.77
C GLY A 118 0.39 39.09 -2.44
N ALA A 119 -0.18 38.22 -1.59
CA ALA A 119 -1.62 37.99 -1.55
C ALA A 119 -2.10 37.78 -2.97
N PHE A 120 -1.58 36.71 -3.55
CA PHE A 120 -1.80 36.34 -4.96
C PHE A 120 -1.44 37.46 -5.91
N HIS A 121 -0.27 38.02 -5.66
CA HIS A 121 0.42 38.84 -6.62
C HIS A 121 1.89 38.84 -6.20
N PRO A 122 2.61 37.76 -6.53
CA PRO A 122 3.97 37.50 -6.09
C PRO A 122 4.87 38.69 -6.31
N ILE A 123 5.81 38.90 -5.37
CA ILE A 123 6.74 40.04 -5.40
C ILE A 123 8.08 39.69 -4.81
N CYS A 124 9.09 40.46 -5.16
CA CYS A 124 10.42 40.24 -4.63
C CYS A 124 11.06 41.53 -4.15
N THR A 125 12.13 41.38 -3.38
CA THR A 125 12.91 42.50 -2.90
C THR A 125 14.27 42.02 -2.44
N TYR A 126 15.18 42.96 -2.18
CA TYR A 126 16.48 42.62 -1.61
C TYR A 126 16.45 42.95 -0.15
N ILE A 127 17.37 42.39 0.61
CA ILE A 127 17.45 42.69 2.04
C ILE A 127 18.90 42.90 2.35
N GLU A 128 19.23 44.03 2.96
CA GLU A 128 20.62 44.32 3.28
C GLU A 128 21.02 43.60 4.56
N VAL A 129 22.11 42.86 4.46
CA VAL A 129 22.84 42.36 5.61
C VAL A 129 24.26 42.85 5.41
N GLY A 130 25.05 42.97 6.47
CA GLY A 130 26.38 43.58 6.29
C GLY A 130 27.38 42.83 5.45
N HIS A 131 28.56 43.43 5.22
CA HIS A 131 29.58 42.85 4.35
C HIS A 131 30.09 41.46 4.79
N HIS A 132 30.56 41.39 6.03
CA HIS A 132 30.62 40.15 6.83
C HIS A 132 30.43 40.44 8.31
N PRO A 133 30.45 41.75 8.64
CA PRO A 133 31.53 42.27 9.54
C PRO A 133 31.96 41.48 10.81
N GLU A 134 31.11 41.22 11.80
CA GLU A 134 29.64 41.36 11.78
C GLU A 134 29.14 42.77 12.16
N ASP A 135 28.17 43.26 11.41
CA ASP A 135 27.52 44.56 11.62
C ASP A 135 26.02 44.37 11.82
N ASN A 136 25.55 43.12 11.74
CA ASN A 136 24.12 42.82 11.77
C ASN A 136 23.20 43.91 11.17
N ILE A 137 23.27 44.12 9.86
CA ILE A 137 22.20 44.87 9.23
C ILE A 137 21.07 43.89 8.89
N PHE A 138 19.85 44.40 8.92
CA PHE A 138 18.69 43.67 8.48
C PHE A 138 17.73 44.74 7.96
N LYS A 139 18.17 45.43 6.92
CA LYS A 139 17.44 46.55 6.39
C LYS A 139 16.66 46.00 5.21
N LEU A 140 15.41 46.38 5.12
CA LEU A 140 14.60 46.02 3.99
C LEU A 140 14.72 47.14 2.99
N GLN A 141 15.54 46.99 1.95
CA GLN A 141 15.63 48.04 0.92
C GLN A 141 14.32 48.06 0.13
N ASP A 142 13.79 49.26 -0.11
CA ASP A 142 12.35 49.45 -0.29
C ASP A 142 11.90 50.12 -1.59
N SER A 143 10.58 50.05 -1.84
CA SER A 143 9.91 50.73 -2.95
C SER A 143 10.52 50.47 -4.33
N HIS A 144 11.18 49.32 -4.48
CA HIS A 144 11.66 48.87 -5.79
C HIS A 144 10.98 47.55 -6.20
N PHE A 145 10.08 47.06 -5.35
CA PHE A 145 9.54 45.68 -5.47
C PHE A 145 9.57 45.11 -6.89
N GLU A 146 10.33 44.02 -7.05
CA GLU A 146 10.47 43.32 -8.31
C GLU A 146 9.30 42.38 -8.41
N ASN A 147 9.06 41.92 -9.63
CA ASN A 147 7.94 41.02 -9.90
C ASN A 147 8.32 39.62 -9.47
N GLY A 148 7.44 38.98 -8.73
CA GLY A 148 7.71 37.65 -8.20
C GLY A 148 7.23 36.49 -9.06
N ARG A 149 6.67 36.77 -10.24
CA ARG A 149 6.14 35.68 -11.05
C ARG A 149 7.27 34.73 -11.35
N GLY A 150 7.00 33.43 -11.30
CA GLY A 150 8.02 32.41 -11.57
C GLY A 150 9.13 32.28 -10.54
N LYS A 151 8.95 32.92 -9.38
CA LYS A 151 9.96 32.93 -8.34
C LYS A 151 9.34 32.44 -7.06
N SER A 152 8.30 33.14 -6.63
CA SER A 152 7.42 32.63 -5.60
C SER A 152 6.06 32.32 -6.23
N PRO A 153 5.33 31.38 -5.64
CA PRO A 153 4.01 31.06 -6.13
C PRO A 153 3.01 32.06 -5.57
N TYR A 154 1.81 32.12 -6.16
CA TYR A 154 0.75 33.00 -5.65
C TYR A 154 0.09 32.40 -4.43
N ASP A 155 0.05 31.07 -4.43
CA ASP A 155 -0.59 30.27 -3.40
C ASP A 155 0.46 29.95 -2.32
N PRO A 156 0.10 30.15 -1.04
CA PRO A 156 1.07 29.78 -0.05
C PRO A 156 1.18 28.28 0.11
N LYS A 157 0.14 27.52 -0.18
CA LYS A 157 0.21 26.08 0.02
C LYS A 157 1.16 25.38 -0.94
N LEU A 158 1.43 25.96 -2.11
CA LEU A 158 2.40 25.39 -3.07
C LEU A 158 3.82 25.64 -2.61
N LEU A 159 4.69 24.63 -2.73
CA LEU A 159 6.09 24.87 -2.33
C LEU A 159 6.92 25.19 -3.54
N THR A 160 8.18 25.56 -3.33
CA THR A 160 9.02 26.01 -4.43
C THR A 160 10.50 25.74 -4.18
N ALA A 161 11.06 24.84 -4.99
CA ALA A 161 12.49 24.69 -5.02
C ALA A 161 13.07 26.00 -5.51
N SER A 162 14.13 26.43 -4.85
CA SER A 162 14.86 27.62 -5.26
C SER A 162 16.34 27.54 -4.91
N LEU A 163 17.15 28.12 -5.78
CA LEU A 163 18.57 28.08 -5.65
C LEU A 163 19.07 29.32 -6.35
N LEU A 164 19.98 30.05 -5.70
CA LEU A 164 20.53 31.27 -6.25
C LEU A 164 22.05 31.24 -6.29
N ILE A 165 22.62 31.07 -7.49
CA ILE A 165 24.08 31.04 -7.71
C ILE A 165 24.49 31.89 -8.90
N ASP A 166 25.59 32.63 -8.71
CA ASP A 166 26.05 33.65 -9.65
C ASP A 166 24.96 34.65 -9.94
N GLY A 167 24.31 35.13 -8.88
CA GLY A 167 23.35 36.23 -8.99
C GLY A 167 22.13 35.95 -9.85
N GLU A 168 21.84 34.67 -10.03
CA GLU A 168 20.76 34.23 -10.90
C GLU A 168 19.89 33.26 -10.10
N LEU A 169 18.57 33.45 -10.14
CA LEU A 169 17.67 32.66 -9.30
C LEU A 169 16.93 31.53 -10.04
N TYR A 170 17.39 30.31 -9.83
CA TYR A 170 16.66 29.14 -10.32
C TYR A 170 15.54 28.83 -9.37
N SER A 171 14.37 28.49 -9.90
CA SER A 171 13.23 28.20 -9.03
C SER A 171 12.17 27.39 -9.75
N GLY A 172 11.71 26.32 -9.09
CA GLY A 172 10.67 25.44 -9.64
C GLY A 172 9.37 25.71 -8.91
N THR A 173 8.32 26.09 -9.65
CA THR A 173 7.05 26.47 -9.03
C THR A 173 5.99 26.75 -10.09
N ALA A 174 4.82 27.20 -9.63
CA ALA A 174 3.75 27.69 -10.49
C ALA A 174 3.96 29.14 -10.87
N ALA A 175 3.71 29.44 -12.13
CA ALA A 175 3.97 30.75 -12.69
C ALA A 175 2.72 31.60 -12.75
N ASP A 176 1.65 31.16 -12.11
CA ASP A 176 0.36 31.75 -12.42
C ASP A 176 -0.65 31.68 -11.28
N PHE A 177 -1.57 32.64 -11.30
CA PHE A 177 -2.63 32.76 -10.30
C PHE A 177 -3.36 31.45 -10.06
N MET A 178 -3.59 30.75 -11.16
CA MET A 178 -4.44 29.58 -11.17
C MET A 178 -3.69 28.39 -10.61
N GLY A 179 -2.38 28.55 -10.40
CA GLY A 179 -1.56 27.52 -9.76
C GLY A 179 -1.35 26.22 -10.53
N ARG A 180 -1.30 26.29 -11.85
CA ARG A 180 -1.24 25.10 -12.71
C ARG A 180 -0.04 25.08 -13.68
N ASP A 181 0.48 26.24 -14.07
CA ASP A 181 1.61 26.33 -14.99
C ASP A 181 2.97 26.16 -14.28
N PHE A 182 3.31 24.91 -13.98
CA PHE A 182 4.55 24.63 -13.27
C PHE A 182 5.76 24.66 -14.23
N ALA A 183 6.91 25.05 -13.69
CA ALA A 183 8.10 25.20 -14.49
C ALA A 183 9.32 25.45 -13.61
N ILE A 184 10.49 25.17 -14.16
CA ILE A 184 11.77 25.56 -13.58
C ILE A 184 12.16 26.81 -14.34
N PHE A 185 12.45 27.87 -13.59
CA PHE A 185 12.78 29.19 -14.12
C PHE A 185 14.18 29.61 -13.73
N ARG A 186 14.84 30.36 -14.62
CA ARG A 186 15.94 31.22 -14.23
C ARG A 186 15.57 32.69 -14.46
N THR A 187 15.89 33.52 -13.46
CA THR A 187 15.62 34.95 -13.50
C THR A 187 16.77 35.68 -12.84
N LEU A 188 16.72 37.00 -12.86
CA LEU A 188 17.77 37.85 -12.32
C LEU A 188 19.06 37.80 -13.12
N GLY A 189 19.00 37.27 -14.33
CA GLY A 189 20.20 37.07 -15.13
C GLY A 189 21.01 38.34 -15.41
N HIS A 190 22.12 38.17 -16.14
CA HIS A 190 22.48 39.14 -17.19
C HIS A 190 21.89 38.67 -18.53
N HIS A 191 21.03 37.65 -18.46
CA HIS A 191 20.60 36.89 -19.60
C HIS A 191 19.10 36.90 -19.60
N HIS A 192 18.50 36.68 -20.75
CA HIS A 192 17.04 36.63 -20.86
C HIS A 192 16.49 35.54 -19.94
N PRO A 193 15.32 35.78 -19.33
CA PRO A 193 14.70 34.73 -18.53
C PRO A 193 14.47 33.42 -19.32
N ILE A 194 14.77 32.28 -18.72
CA ILE A 194 14.60 30.97 -19.37
C ILE A 194 13.72 30.10 -18.50
N ARG A 195 12.89 29.27 -19.14
CA ARG A 195 12.08 28.34 -18.40
C ARG A 195 11.92 27.01 -19.10
N THR A 196 11.24 26.08 -18.43
CA THR A 196 10.81 24.85 -19.07
C THR A 196 9.67 25.16 -20.05
N GLU A 197 9.35 24.18 -20.91
CA GLU A 197 8.21 24.32 -21.82
C GLU A 197 6.95 24.54 -21.01
N GLN A 198 5.86 24.83 -21.70
CA GLN A 198 4.60 25.13 -21.07
C GLN A 198 3.53 24.20 -21.59
N HIS A 199 2.54 23.88 -20.77
CA HIS A 199 1.51 22.93 -21.18
C HIS A 199 2.11 21.79 -21.98
N ASP A 200 2.96 21.00 -21.30
CA ASP A 200 3.58 19.80 -21.89
C ASP A 200 3.94 18.82 -20.77
N SER A 201 3.05 17.87 -20.52
CA SER A 201 3.20 16.98 -19.40
C SER A 201 4.40 16.08 -19.51
N ARG A 202 4.97 15.99 -20.71
CA ARG A 202 6.18 15.18 -20.91
C ARG A 202 7.29 15.79 -20.09
N TRP A 203 7.35 17.12 -20.09
CA TRP A 203 8.37 17.85 -19.35
C TRP A 203 8.09 17.79 -17.86
N LEU A 204 7.00 18.45 -17.45
CA LEU A 204 6.56 18.42 -16.06
C LEU A 204 5.09 18.20 -16.07
N ASN A 205 4.63 17.29 -15.22
CA ASN A 205 3.23 16.96 -15.21
C ASN A 205 2.61 17.18 -13.86
N ASP A 206 2.26 18.43 -13.61
CA ASP A 206 1.68 18.84 -12.35
C ASP A 206 2.55 18.46 -11.12
N PRO A 207 3.77 18.99 -11.09
CA PRO A 207 4.77 18.58 -10.12
C PRO A 207 4.74 19.36 -8.85
N ARG A 208 5.42 18.83 -7.86
CA ARG A 208 5.56 19.50 -6.58
C ARG A 208 7.05 19.48 -6.23
N PHE A 209 7.67 20.66 -6.31
CA PHE A 209 9.10 20.80 -6.20
C PHE A 209 9.57 20.79 -4.78
N ILE A 210 10.79 20.37 -4.57
CA ILE A 210 11.25 20.10 -3.22
C ILE A 210 12.58 20.78 -2.87
N SER A 211 13.57 20.68 -3.73
CA SER A 211 14.80 21.43 -3.53
C SER A 211 15.59 21.35 -4.81
N ALA A 212 16.63 22.19 -4.89
CA ALA A 212 17.47 22.26 -6.09
C ALA A 212 18.90 22.56 -5.69
N HIS A 213 19.85 21.97 -6.40
CA HIS A 213 21.23 21.93 -5.93
C HIS A 213 22.19 22.02 -7.07
N LEU A 214 23.21 22.86 -6.93
CA LEU A 214 24.27 22.97 -7.93
C LEU A 214 25.34 21.96 -7.60
N ILE A 215 25.52 20.99 -8.48
CA ILE A 215 26.46 19.91 -8.26
C ILE A 215 27.48 19.92 -9.40
N PRO A 216 28.74 20.18 -9.09
CA PRO A 216 29.76 20.21 -10.10
C PRO A 216 30.01 18.83 -10.69
N GLU A 217 30.32 18.76 -11.99
CA GLU A 217 30.60 17.48 -12.67
C GLU A 217 32.11 17.25 -12.79
N SER A 218 32.84 18.34 -13.05
CA SER A 218 34.28 18.28 -13.31
C SER A 218 34.99 19.35 -12.49
N ASP A 219 36.23 19.64 -12.85
CA ASP A 219 36.92 20.79 -12.29
C ASP A 219 36.59 22.05 -13.07
N ASN A 220 36.20 21.91 -14.33
CA ASN A 220 35.76 23.04 -15.16
C ASN A 220 34.36 23.46 -14.73
N PRO A 221 34.19 24.68 -14.18
CA PRO A 221 32.84 25.04 -13.74
C PRO A 221 31.88 25.54 -14.84
N GLU A 222 32.18 25.28 -16.11
CA GLU A 222 31.17 25.39 -17.16
C GLU A 222 30.38 24.09 -17.27
N ASP A 223 30.93 23.00 -16.75
CA ASP A 223 30.26 21.69 -16.76
C ASP A 223 29.20 21.60 -15.65
N ASP A 224 29.17 22.61 -14.77
CA ASP A 224 28.23 22.65 -13.66
C ASP A 224 26.80 22.42 -14.08
N LYS A 225 26.09 21.60 -13.29
CA LYS A 225 24.65 21.34 -13.46
C LYS A 225 23.80 21.71 -12.23
N VAL A 226 22.52 22.03 -12.47
CA VAL A 226 21.54 22.27 -11.43
C VAL A 226 20.57 21.12 -11.31
N TYR A 227 20.52 20.49 -10.14
CA TYR A 227 19.69 19.31 -9.96
C TYR A 227 18.48 19.68 -9.16
N PHE A 228 17.28 19.47 -9.73
CA PHE A 228 16.00 19.70 -9.04
C PHE A 228 15.47 18.36 -8.57
N PHE A 229 14.95 18.33 -7.36
CA PHE A 229 14.30 17.13 -6.82
C PHE A 229 12.84 17.47 -6.69
N PHE A 230 11.96 16.60 -7.16
CA PHE A 230 10.53 16.86 -7.11
C PHE A 230 9.69 15.61 -7.28
N ARG A 231 8.37 15.76 -7.23
CA ARG A 231 7.47 14.66 -7.58
C ARG A 231 6.36 15.11 -8.53
N GLU A 232 5.73 14.17 -9.24
CA GLU A 232 4.68 14.54 -10.18
C GLU A 232 3.80 13.35 -10.53
N ASN A 233 2.82 13.56 -11.40
CA ASN A 233 1.95 12.46 -11.87
C ASN A 233 2.56 11.66 -13.02
N ALA A 234 2.35 10.36 -12.98
CA ALA A 234 2.82 9.52 -14.05
C ALA A 234 2.02 9.82 -15.30
N ILE A 235 2.61 9.59 -16.46
CA ILE A 235 1.85 9.49 -17.68
C ILE A 235 1.75 8.02 -18.04
N ASP A 236 0.53 7.61 -18.39
CA ASP A 236 0.17 6.22 -18.60
C ASP A 236 0.26 5.93 -20.07
N GLY A 237 -0.56 6.63 -20.86
CA GLY A 237 -0.87 6.29 -22.26
C GLY A 237 -2.36 6.44 -22.52
N HIS A 239 -4.64 5.15 -20.64
CA HIS A 239 -5.10 4.12 -19.72
C HIS A 239 -4.94 4.64 -18.28
N SER A 240 -5.69 4.08 -17.34
CA SER A 240 -5.69 4.56 -15.93
C SER A 240 -5.10 3.60 -14.90
N GLY A 241 -4.11 4.15 -14.21
CA GLY A 241 -3.99 4.06 -12.78
C GLY A 241 -3.25 5.33 -12.39
N LYS A 242 -3.90 6.25 -11.68
CA LYS A 242 -3.21 7.47 -11.26
C LYS A 242 -2.05 7.15 -10.31
N ALA A 243 -0.93 7.84 -10.49
CA ALA A 243 0.30 7.50 -9.80
C ALA A 243 1.23 8.69 -9.59
N THR A 244 2.14 8.56 -8.63
CA THR A 244 3.18 9.57 -8.35
C THR A 244 4.58 9.05 -8.67
N HIS A 245 5.35 9.80 -9.43
CA HIS A 245 6.74 9.46 -9.63
C HIS A 245 7.58 10.50 -8.95
N ALA A 246 8.51 10.07 -8.09
CA ALA A 246 9.54 10.96 -7.57
C ALA A 246 10.59 11.16 -8.65
N ARG A 247 11.15 12.35 -8.74
CA ARG A 247 12.01 12.66 -9.88
C ARG A 247 13.25 13.45 -9.51
N ILE A 248 14.27 13.30 -10.34
CA ILE A 248 15.43 14.16 -10.27
C ILE A 248 15.61 14.80 -11.65
N GLY A 249 16.04 16.05 -11.67
CA GLY A 249 15.99 16.86 -12.86
C GLY A 249 17.30 17.57 -13.06
N GLN A 250 17.66 17.76 -14.32
CA GLN A 250 18.99 18.20 -14.69
C GLN A 250 18.94 19.40 -15.63
N ILE A 251 19.65 20.45 -15.29
CA ILE A 251 19.82 21.58 -16.15
C ILE A 251 21.29 21.93 -16.20
N CYS A 252 21.75 22.54 -17.28
CA CYS A 252 23.11 23.01 -17.35
C CYS A 252 23.14 24.45 -16.86
N LYS A 253 23.96 24.72 -15.85
CA LYS A 253 24.11 26.05 -15.32
C LYS A 253 24.09 27.06 -16.47
N ASN A 254 25.01 26.86 -17.41
CA ASN A 254 25.24 27.75 -18.56
C ASN A 254 24.43 27.41 -19.84
N ASP A 255 23.23 26.90 -19.66
CA ASP A 255 22.28 26.66 -20.75
C ASP A 255 21.57 27.97 -21.01
N PHE A 256 21.47 28.36 -22.28
CA PHE A 256 20.92 29.68 -22.63
C PHE A 256 19.76 29.69 -23.62
N GLY A 257 19.39 28.51 -24.09
CA GLY A 257 18.26 28.39 -24.99
C GLY A 257 18.75 28.01 -26.35
N GLY A 258 17.81 27.75 -27.25
CA GLY A 258 18.12 27.29 -28.59
C GLY A 258 18.14 28.44 -29.56
N HIS A 259 18.60 28.16 -30.78
CA HIS A 259 18.71 29.17 -31.80
C HIS A 259 17.34 29.44 -32.42
N ARG A 260 16.85 28.48 -33.20
CA ARG A 260 15.61 28.64 -33.95
C ARG A 260 14.40 28.21 -33.13
N SER A 261 14.61 27.18 -32.32
CA SER A 261 13.55 26.56 -31.54
C SER A 261 13.94 26.55 -30.09
N LEU A 262 12.96 26.29 -29.23
CA LEU A 262 13.21 26.37 -27.80
C LEU A 262 13.96 27.66 -27.52
N VAL A 263 13.40 28.75 -28.01
CA VAL A 263 13.99 30.06 -27.75
C VAL A 263 13.72 30.31 -26.26
N ASN A 264 14.74 30.72 -25.52
CA ASN A 264 14.62 31.00 -24.08
C ASN A 264 13.91 29.90 -23.27
N LYS A 265 14.15 28.65 -23.66
CA LYS A 265 13.68 27.52 -22.90
C LYS A 265 14.85 26.57 -22.72
N TRP A 266 14.83 25.77 -21.67
CA TRP A 266 15.94 24.85 -21.43
C TRP A 266 16.09 23.88 -22.58
N THR A 267 17.32 23.49 -22.87
CA THR A 267 17.61 22.46 -23.85
C THR A 267 18.31 21.32 -23.17
N THR A 268 18.80 21.59 -21.96
CA THR A 268 19.51 20.64 -21.16
C THR A 268 18.61 19.81 -20.27
N PHE A 269 17.31 20.16 -20.26
CA PHE A 269 16.39 19.55 -19.32
C PHE A 269 16.24 18.05 -19.56
N LEU A 270 16.60 17.27 -18.54
CA LEU A 270 16.33 15.84 -18.53
C LEU A 270 15.86 15.45 -17.14
N LYS A 271 15.02 14.43 -17.06
CA LYS A 271 14.46 14.02 -15.78
C LYS A 271 14.37 12.52 -15.68
N ALA A 272 14.54 12.01 -14.49
CA ALA A 272 14.57 10.58 -14.29
C ALA A 272 13.77 10.29 -13.07
N ARG A 273 13.25 9.08 -12.98
CA ARG A 273 12.46 8.72 -11.82
C ARG A 273 13.38 8.27 -10.68
N LEU A 274 13.09 8.73 -9.46
CA LEU A 274 13.66 8.16 -8.27
C LEU A 274 12.75 7.05 -7.80
N ILE A 275 13.34 5.89 -7.58
CA ILE A 275 12.60 4.78 -7.00
C ILE A 275 13.07 4.56 -5.57
N CYS A 276 12.12 4.48 -4.65
CA CYS A 276 12.39 4.13 -3.27
C CYS A 276 11.38 3.06 -2.92
N SER A 277 11.81 1.81 -3.01
CA SER A 277 10.90 0.67 -2.87
C SER A 277 11.51 -0.48 -2.13
N VAL A 278 10.68 -1.22 -1.41
CA VAL A 278 11.09 -2.39 -0.68
C VAL A 278 10.69 -3.62 -1.45
N PRO A 279 11.67 -4.38 -1.94
CA PRO A 279 11.41 -5.65 -2.60
C PRO A 279 10.54 -6.57 -1.77
N GLY A 280 9.48 -7.10 -2.39
CA GLY A 280 8.57 -8.03 -1.73
C GLY A 280 8.87 -9.46 -2.14
N PRO A 281 8.25 -10.43 -1.45
CA PRO A 281 8.51 -11.83 -1.73
C PRO A 281 7.90 -12.28 -3.07
N ASN A 282 6.70 -11.78 -3.39
CA ASN A 282 6.07 -12.13 -4.66
C ASN A 282 6.75 -11.47 -5.86
N GLY A 283 7.74 -10.62 -5.60
CA GLY A 283 8.29 -9.81 -6.66
C GLY A 283 7.36 -8.65 -7.01
N ILE A 284 6.40 -8.33 -6.13
CA ILE A 284 5.73 -7.03 -6.14
C ILE A 284 6.32 -6.19 -5.02
N ASP A 285 7.19 -5.26 -5.39
CA ASP A 285 7.81 -4.35 -4.45
C ASP A 285 6.77 -3.41 -3.85
N THR A 286 7.12 -2.82 -2.70
CA THR A 286 6.30 -1.81 -2.04
C THR A 286 6.93 -0.44 -2.20
N HIS A 287 6.25 0.46 -2.91
CA HIS A 287 6.82 1.76 -3.27
C HIS A 287 6.46 2.89 -2.29
N PHE A 288 7.39 3.85 -2.20
CA PHE A 288 7.20 5.07 -1.41
C PHE A 288 7.46 6.21 -2.37
N ASP A 289 6.42 6.58 -3.12
CA ASP A 289 6.60 7.46 -4.27
C ASP A 289 6.56 8.96 -3.95
N GLU A 290 5.96 9.32 -2.84
CA GLU A 290 5.82 10.73 -2.46
C GLU A 290 7.09 11.27 -1.83
N LEU A 291 7.94 11.93 -2.62
CA LEU A 291 9.14 12.60 -2.13
C LEU A 291 8.77 13.77 -1.22
N GLN A 292 9.56 14.02 -0.18
CA GLN A 292 9.23 15.08 0.80
C GLN A 292 10.38 16.06 1.09
N ASP A 293 11.49 15.61 1.67
CA ASP A 293 12.69 16.44 1.78
C ASP A 293 13.79 15.67 1.05
N VAL A 294 14.88 16.39 0.82
CA VAL A 294 16.08 15.88 0.26
C VAL A 294 17.17 16.60 1.05
N PHE A 295 18.27 15.92 1.29
CA PHE A 295 19.35 16.54 2.02
C PHE A 295 20.65 15.98 1.52
N LEU A 296 21.49 16.83 0.93
CA LEU A 296 22.82 16.39 0.46
C LEU A 296 23.81 16.32 1.60
N MET A 297 24.62 15.29 1.59
CA MET A 297 25.63 15.10 2.62
C MET A 297 26.96 15.24 1.90
N ASN A 298 27.76 16.22 2.29
CA ASN A 298 28.97 16.44 1.54
C ASN A 298 30.11 15.52 1.96
N SER A 299 30.64 14.83 0.95
CA SER A 299 31.77 13.95 1.10
C SER A 299 33.06 14.75 0.86
N LYS A 300 34.19 14.06 0.75
CA LYS A 300 35.46 14.70 0.36
C LYS A 300 35.39 15.19 -1.09
N ASP A 301 34.54 14.55 -1.90
CA ASP A 301 34.31 14.91 -3.31
C ASP A 301 33.03 15.74 -3.42
N PRO A 302 33.15 17.00 -3.88
CA PRO A 302 31.95 17.83 -4.01
C PRO A 302 31.10 17.49 -5.25
N LYS A 303 31.58 16.57 -6.08
CA LYS A 303 30.86 16.14 -7.26
C LYS A 303 30.02 14.91 -7.00
N ASN A 304 30.12 14.34 -5.79
CA ASN A 304 29.31 13.19 -5.37
C ASN A 304 28.81 13.29 -3.95
N PRO A 305 27.93 14.25 -3.69
CA PRO A 305 27.29 14.24 -2.37
C PRO A 305 26.42 13.03 -2.27
N ILE A 306 26.09 12.65 -1.05
CA ILE A 306 25.20 11.52 -0.86
C ILE A 306 23.80 12.08 -0.67
N VAL A 307 22.93 11.83 -1.62
CA VAL A 307 21.58 12.32 -1.52
C VAL A 307 20.80 11.48 -0.50
N TYR A 308 20.32 12.09 0.57
CA TYR A 308 19.34 11.45 1.43
C TYR A 308 17.99 12.01 1.02
N GLY A 309 17.00 11.13 0.92
CA GLY A 309 15.63 11.50 0.52
C GLY A 309 14.57 10.85 1.40
N VAL A 310 13.60 11.67 1.83
CA VAL A 310 12.48 11.20 2.66
C VAL A 310 11.27 10.94 1.77
N PHE A 311 10.64 9.77 1.93
CA PHE A 311 9.58 9.37 1.03
C PHE A 311 8.46 8.80 1.82
N THR A 312 7.24 8.93 1.32
CA THR A 312 6.07 8.37 1.98
C THR A 312 5.13 7.72 0.98
N THR A 313 4.21 6.89 1.48
CA THR A 313 3.24 6.18 0.63
C THR A 313 2.28 7.14 -0.01
N SER A 314 1.76 6.74 -1.18
CA SER A 314 0.78 7.51 -1.91
C SER A 314 -0.60 7.26 -1.30
N SER A 315 -0.76 6.13 -0.62
CA SER A 315 -2.06 5.73 -0.10
C SER A 315 -2.46 6.58 1.07
N ASN A 316 -3.76 6.76 1.18
CA ASN A 316 -4.37 7.38 2.31
C ASN A 316 -4.49 6.36 3.43
N ILE A 317 -5.04 5.20 3.07
CA ILE A 317 -5.34 4.08 4.00
C ILE A 317 -4.10 3.59 4.80
N PHE A 318 -3.00 3.37 4.10
CA PHE A 318 -1.76 2.88 4.69
C PHE A 318 -0.80 4.04 4.78
N LYS A 319 -0.50 4.50 5.98
CA LYS A 319 0.55 5.50 6.17
C LYS A 319 1.91 4.81 6.33
N GLY A 320 2.87 5.23 5.51
CA GLY A 320 4.24 4.69 5.58
C GLY A 320 5.28 5.73 5.20
N SER A 321 6.50 5.54 5.65
CA SER A 321 7.56 6.50 5.38
C SER A 321 8.87 5.78 5.21
N ALA A 322 9.81 6.44 4.58
CA ALA A 322 10.99 5.73 4.14
C ALA A 322 12.10 6.72 3.87
N VAL A 323 13.33 6.22 3.99
CA VAL A 323 14.49 7.05 3.75
C VAL A 323 15.38 6.29 2.81
N CYS A 324 15.69 6.90 1.68
CA CYS A 324 16.45 6.23 0.63
C CYS A 324 17.68 7.06 0.40
N MET A 325 18.84 6.41 0.25
CA MET A 325 20.05 7.14 -0.13
C MET A 325 20.31 6.95 -1.58
N TYR A 326 20.97 7.91 -2.22
CA TYR A 326 21.21 7.84 -3.66
C TYR A 326 22.60 8.35 -4.01
N SER A 327 23.26 7.60 -4.90
CA SER A 327 24.61 7.93 -5.32
C SER A 327 24.57 8.83 -6.55
N MET A 328 25.38 9.88 -6.58
CA MET A 328 25.37 10.74 -7.74
C MET A 328 25.92 10.07 -8.98
N SER A 329 26.83 9.12 -8.83
CA SER A 329 27.33 8.39 -10.01
C SER A 329 26.25 7.41 -10.55
N ASP A 330 25.44 6.84 -9.65
CA ASP A 330 24.23 6.13 -10.03
C ASP A 330 23.32 7.03 -10.89
N VAL A 331 23.12 8.26 -10.44
CA VAL A 331 22.19 9.18 -11.09
C VAL A 331 22.68 9.51 -12.49
N ARG A 332 24.00 9.73 -12.59
CA ARG A 332 24.59 10.10 -13.86
C ARG A 332 24.50 8.99 -14.91
N ARG A 333 24.65 7.75 -14.45
CA ARG A 333 24.53 6.61 -15.34
C ARG A 333 23.18 6.66 -16.02
N VAL A 334 22.17 7.01 -15.23
CA VAL A 334 20.81 7.02 -15.73
C VAL A 334 20.61 8.12 -16.76
N PHE A 335 21.19 9.27 -16.48
CA PHE A 335 21.03 10.37 -17.41
C PHE A 335 21.85 10.23 -18.67
N LEU A 336 22.76 9.26 -18.68
CA LEU A 336 23.54 8.91 -19.87
C LEU A 336 22.93 7.75 -20.63
N GLY A 337 22.10 6.95 -19.97
CA GLY A 337 21.46 5.79 -20.58
C GLY A 337 20.28 6.12 -21.50
N PRO A 338 19.42 5.14 -21.79
CA PRO A 338 18.41 5.32 -22.84
C PRO A 338 17.39 6.36 -22.43
N TYR A 339 16.99 7.19 -23.38
CA TYR A 339 15.91 8.15 -23.19
C TYR A 339 14.60 7.39 -23.23
N ALA A 340 13.54 7.99 -22.70
CA ALA A 340 12.18 7.43 -22.83
C ALA A 340 11.62 7.80 -24.20
N HIS A 341 10.71 6.98 -24.74
CA HIS A 341 10.23 7.21 -26.10
C HIS A 341 8.92 6.53 -26.43
N ARG A 342 8.09 7.22 -27.21
CA ARG A 342 6.97 6.60 -27.90
C ARG A 342 6.85 7.15 -29.29
N ASP A 343 6.27 6.35 -30.17
CA ASP A 343 5.98 6.78 -31.52
C ASP A 343 4.66 7.52 -31.54
N GLY A 344 3.91 7.46 -30.43
CA GLY A 344 2.57 8.06 -30.38
C GLY A 344 1.88 7.94 -29.03
N PRO A 345 0.62 8.40 -28.93
CA PRO A 345 -0.05 8.40 -27.61
C PRO A 345 -0.52 7.00 -27.19
N ASN A 346 -0.70 6.12 -28.16
CA ASN A 346 -1.23 4.80 -27.94
C ASN A 346 -0.13 3.76 -27.93
N TYR A 347 1.09 4.20 -27.64
CA TYR A 347 2.24 3.32 -27.63
C TYR A 347 2.81 3.22 -26.25
N GLN A 348 3.39 2.06 -25.98
CA GLN A 348 4.10 1.82 -24.73
C GLN A 348 5.35 2.70 -24.70
N TRP A 349 5.76 3.14 -23.51
CA TRP A 349 7.04 3.83 -23.38
C TRP A 349 8.15 2.79 -23.56
N VAL A 350 9.25 3.20 -24.16
CA VAL A 350 10.20 2.28 -24.74
C VAL A 350 11.58 2.89 -24.71
N PRO A 351 12.64 2.09 -24.44
CA PRO A 351 14.00 2.66 -24.45
C PRO A 351 14.41 2.98 -25.85
N TYR A 352 14.83 4.22 -26.06
CA TYR A 352 15.11 4.74 -27.38
C TYR A 352 16.37 4.13 -27.94
N GLN A 353 16.25 3.50 -29.11
CA GLN A 353 17.38 2.89 -29.80
C GLN A 353 17.55 3.39 -31.22
N GLY A 354 17.09 4.60 -31.51
CA GLY A 354 17.47 5.27 -32.75
C GLY A 354 18.80 5.96 -32.55
N ARG A 355 19.17 6.84 -33.48
CA ARG A 355 20.42 7.56 -33.37
C ARG A 355 20.23 8.73 -32.42
N VAL A 356 21.02 8.74 -31.35
CA VAL A 356 21.01 9.83 -30.36
C VAL A 356 21.84 11.03 -30.89
N PRO A 357 21.19 12.10 -31.38
CA PRO A 357 22.00 13.16 -31.98
C PRO A 357 23.14 13.69 -31.10
N TYR A 358 24.17 14.21 -31.76
CA TYR A 358 25.36 14.68 -31.10
C TYR A 358 25.53 16.16 -31.37
N PRO A 359 25.99 16.92 -30.38
CA PRO A 359 26.35 16.48 -29.01
C PRO A 359 25.14 15.97 -28.23
N ARG A 360 25.37 15.07 -27.28
CA ARG A 360 24.25 14.43 -26.58
C ARG A 360 23.38 15.44 -25.87
N PRO A 361 22.05 15.33 -26.01
CA PRO A 361 21.17 16.20 -25.24
C PRO A 361 21.30 15.90 -23.75
N GLY A 362 21.55 16.94 -22.96
CA GLY A 362 21.88 16.78 -21.54
C GLY A 362 23.27 17.31 -21.28
N THR A 363 24.14 17.25 -22.29
CA THR A 363 25.57 17.62 -22.17
C THR A 363 25.73 19.13 -22.22
N CYS A 364 26.60 19.67 -21.36
CA CYS A 364 26.76 21.10 -21.29
C CYS A 364 27.62 21.63 -22.42
N PRO A 365 27.41 22.90 -22.81
CA PRO A 365 28.34 23.50 -23.72
C PRO A 365 29.68 23.64 -23.04
N SER A 366 30.74 23.33 -23.77
CA SER A 366 32.07 23.59 -23.25
C SER A 366 32.88 24.37 -24.27
N LYS A 367 33.98 24.92 -23.81
CA LYS A 367 34.98 25.51 -24.70
C LYS A 367 36.02 24.45 -25.12
N THR A 368 36.29 23.48 -24.24
CA THR A 368 37.31 22.45 -24.52
C THR A 368 36.98 21.69 -25.81
N PHE A 369 36.16 20.64 -25.73
CA PHE A 369 35.94 19.76 -26.90
C PHE A 369 34.91 20.31 -27.90
N GLY A 370 35.11 19.92 -29.16
CA GLY A 370 34.19 20.29 -30.24
C GLY A 370 34.32 21.71 -30.75
N GLY A 371 34.71 22.64 -29.89
CA GLY A 371 34.47 24.05 -30.12
C GLY A 371 33.15 24.55 -29.54
N PHE A 372 32.00 23.92 -29.88
CA PHE A 372 30.63 24.51 -29.71
C PHE A 372 30.38 25.26 -28.39
N ASP A 373 30.28 26.57 -28.53
CA ASP A 373 30.48 27.47 -27.41
C ASP A 373 29.20 27.82 -26.66
N SER A 374 28.06 27.40 -27.19
CA SER A 374 26.80 27.76 -26.57
C SER A 374 25.71 26.77 -26.93
N THR A 375 24.56 26.96 -26.30
CA THR A 375 23.38 26.18 -26.60
C THR A 375 22.74 26.66 -27.93
N LYS A 376 23.01 27.92 -28.29
CA LYS A 376 22.47 28.51 -29.52
C LYS A 376 23.28 28.13 -30.77
N ASP A 377 24.49 27.63 -30.54
CA ASP A 377 25.31 26.98 -31.58
C ASP A 377 24.89 25.53 -31.84
N LEU A 378 23.91 25.03 -31.10
CA LEU A 378 23.54 23.63 -31.25
C LEU A 378 22.83 23.41 -32.55
N PRO A 379 23.08 22.28 -33.19
CA PRO A 379 22.30 21.91 -34.38
C PRO A 379 20.81 21.80 -34.08
N ASP A 380 19.96 21.91 -35.10
CA ASP A 380 18.51 21.81 -34.89
C ASP A 380 18.03 20.40 -34.56
N ASP A 381 18.77 19.37 -34.97
CA ASP A 381 18.32 18.01 -34.69
C ASP A 381 18.55 17.60 -33.23
N VAL A 382 19.55 18.16 -32.54
CA VAL A 382 19.65 17.91 -31.07
C VAL A 382 18.62 18.71 -30.30
N ILE A 383 18.14 19.81 -30.88
CA ILE A 383 17.12 20.63 -30.24
C ILE A 383 15.74 20.01 -30.36
N THR A 384 15.46 19.31 -31.47
CA THR A 384 14.13 18.71 -31.68
C THR A 384 13.96 17.37 -30.93
N PHE A 385 15.02 16.59 -30.86
CA PHE A 385 15.15 15.58 -29.83
C PHE A 385 15.20 16.40 -28.55
N ALA A 386 14.76 15.85 -27.42
CA ALA A 386 14.83 16.56 -26.12
C ALA A 386 13.76 17.65 -25.98
N ARG A 387 13.39 18.28 -27.07
CA ARG A 387 12.09 18.94 -27.11
C ARG A 387 11.03 17.88 -26.77
N SER A 388 11.31 16.64 -27.15
CA SER A 388 10.32 15.56 -27.07
C SER A 388 10.75 14.36 -26.25
N HIS A 389 12.03 14.32 -25.88
CA HIS A 389 12.55 13.30 -24.94
C HIS A 389 13.19 13.97 -23.74
N PRO A 390 12.36 14.62 -22.89
CA PRO A 390 12.88 15.21 -21.68
C PRO A 390 13.03 14.16 -20.57
N ALA A 391 12.30 13.05 -20.65
CA ALA A 391 12.40 12.03 -19.63
C ALA A 391 13.33 10.91 -20.07
N MET A 392 14.13 10.41 -19.13
CA MET A 392 14.94 9.21 -19.28
C MET A 392 14.07 7.99 -19.10
N TYR A 393 14.58 6.85 -19.53
CA TYR A 393 13.83 5.60 -19.44
C TYR A 393 14.17 4.90 -18.14
N ASN A 394 15.45 4.70 -17.89
CA ASN A 394 15.83 4.02 -16.65
C ASN A 394 15.48 4.92 -15.46
N PRO A 395 15.02 4.29 -14.38
CA PRO A 395 14.87 5.03 -13.14
C PRO A 395 16.16 4.97 -12.36
N VAL A 396 16.24 5.76 -11.28
CA VAL A 396 17.36 5.75 -10.37
C VAL A 396 16.97 4.99 -9.13
N PHE A 397 17.79 4.03 -8.75
CA PHE A 397 17.52 3.18 -7.59
C PHE A 397 18.41 3.61 -6.43
N PRO A 398 17.90 3.44 -5.21
CA PRO A 398 18.74 3.78 -4.08
C PRO A 398 19.96 2.86 -3.97
N ILE A 399 21.02 3.37 -3.35
CA ILE A 399 22.13 2.54 -2.89
C ILE A 399 21.58 1.29 -2.17
N ASN A 400 21.88 0.10 -2.71
CA ASN A 400 21.38 -1.21 -2.21
C ASN A 400 19.90 -1.50 -2.44
N ASN A 401 19.31 -0.85 -3.44
CA ASN A 401 17.93 -1.10 -3.87
C ASN A 401 16.91 -1.23 -2.75
N ARG A 402 17.20 -0.56 -1.62
CA ARG A 402 16.41 -0.63 -0.43
C ARG A 402 16.46 0.72 0.24
N PRO A 403 15.40 1.04 0.95
CA PRO A 403 15.52 2.07 1.95
C PRO A 403 16.51 1.67 3.05
N ILE A 404 17.19 2.68 3.57
CA ILE A 404 17.83 2.67 4.88
C ILE A 404 16.82 2.34 5.99
N MET A 405 15.62 2.90 5.90
CA MET A 405 14.70 2.84 7.01
C MET A 405 13.26 2.95 6.54
N ILE A 406 12.38 2.24 7.24
CA ILE A 406 10.98 2.15 6.90
C ILE A 406 10.22 2.47 8.17
N LYS A 407 9.09 3.15 8.05
CA LYS A 407 8.24 3.43 9.21
C LYS A 407 6.76 3.32 8.84
N THR A 408 6.21 2.13 9.04
CA THR A 408 4.85 1.82 8.62
C THR A 408 3.93 1.47 9.76
N ASP A 409 4.44 0.73 10.76
CA ASP A 409 3.64 0.38 11.94
C ASP A 409 2.92 1.58 12.58
N VAL A 410 3.46 2.79 12.41
CA VAL A 410 2.98 3.96 13.15
C VAL A 410 2.11 4.93 12.35
N ASN A 411 1.26 5.66 13.08
CA ASN A 411 0.26 6.58 12.54
C ASN A 411 0.75 7.92 11.97
N TYR A 412 2.03 8.27 12.13
CA TYR A 412 2.58 9.49 11.51
C TYR A 412 3.41 9.26 10.22
N GLN A 413 3.75 10.34 9.56
CA GLN A 413 4.61 10.28 8.40
C GLN A 413 5.86 11.13 8.54
N PHE A 414 6.93 10.76 7.84
CA PHE A 414 8.08 11.63 7.76
C PHE A 414 7.81 12.89 6.91
N THR A 415 8.40 14.02 7.28
CA THR A 415 8.31 15.25 6.49
C THR A 415 9.63 15.80 6.09
N GLN A 416 10.57 15.88 7.04
CA GLN A 416 11.87 16.50 6.76
C GLN A 416 13.03 15.75 7.37
N ILE A 417 14.23 16.07 6.90
CA ILE A 417 15.46 15.41 7.34
C ILE A 417 16.69 16.32 7.30
N VAL A 418 17.64 16.03 8.19
CA VAL A 418 19.02 16.49 8.06
C VAL A 418 19.93 15.42 8.63
N VAL A 419 21.21 15.51 8.26
CA VAL A 419 22.16 14.50 8.67
C VAL A 419 23.49 15.12 9.05
N ASP A 420 23.94 14.79 10.27
CA ASP A 420 25.26 15.17 10.77
C ASP A 420 26.17 14.00 10.52
N ARG A 421 27.49 14.24 10.47
CA ARG A 421 28.49 13.18 10.29
C ARG A 421 29.33 13.14 11.54
N VAL A 422 28.89 12.41 12.56
CA VAL A 422 29.51 12.54 13.89
C VAL A 422 30.79 11.73 13.91
N ASP A 423 31.86 12.39 14.34
CA ASP A 423 33.14 11.72 14.45
C ASP A 423 33.21 11.18 15.86
N ALA A 424 33.18 9.86 15.95
CA ALA A 424 33.09 9.13 17.22
C ALA A 424 34.36 8.28 17.46
N GLU A 425 34.36 7.49 18.54
CA GLU A 425 35.52 6.68 18.92
C GLU A 425 35.79 5.54 17.93
N ASP A 426 34.81 4.62 17.75
CA ASP A 426 34.86 3.55 16.71
C ASP A 426 35.19 4.11 15.36
N GLY A 427 34.51 5.19 15.00
CA GLY A 427 34.73 5.89 13.73
C GLY A 427 33.72 6.97 13.47
N GLN A 428 33.34 7.13 12.20
CA GLN A 428 32.35 8.14 11.84
C GLN A 428 31.01 7.48 11.72
N TYR A 429 29.96 8.25 11.99
CA TYR A 429 28.58 7.78 11.94
C TYR A 429 27.64 8.86 11.42
N ASP A 430 26.73 8.48 10.55
CA ASP A 430 25.76 9.40 9.98
C ASP A 430 24.50 9.47 10.84
N VAL A 431 24.31 10.56 11.55
CA VAL A 431 23.15 10.66 12.44
C VAL A 431 22.02 11.43 11.75
N MET A 432 20.92 10.75 11.50
CA MET A 432 19.76 11.37 10.91
C MET A 432 18.87 11.98 11.98
N PHE A 433 18.45 13.22 11.75
CA PHE A 433 17.36 13.85 12.51
C PHE A 433 16.17 13.97 11.57
N ILE A 434 15.06 13.32 11.90
CA ILE A 434 13.92 13.28 10.99
C ILE A 434 12.72 13.95 11.62
N GLY A 435 12.16 14.92 10.89
CA GLY A 435 10.96 15.62 11.33
C GLY A 435 9.74 14.82 10.90
N THR A 436 8.59 15.18 11.44
CA THR A 436 7.39 14.37 11.37
C THR A 436 6.16 15.22 11.26
N ASP A 437 5.13 14.75 10.57
CA ASP A 437 3.91 15.54 10.45
C ASP A 437 3.12 15.68 11.76
N VAL A 438 3.72 15.24 12.87
CA VAL A 438 3.13 15.31 14.20
C VAL A 438 3.97 16.18 15.14
N GLY A 439 4.91 16.91 14.58
CA GLY A 439 5.79 17.75 15.35
C GLY A 439 6.79 16.92 16.14
N THR A 440 7.38 15.90 15.52
CA THR A 440 8.33 15.07 16.27
C THR A 440 9.61 14.89 15.49
N VAL A 441 10.70 14.76 16.22
CA VAL A 441 11.95 14.48 15.60
C VAL A 441 12.39 13.07 16.01
N LEU A 442 12.86 12.29 15.05
CA LEU A 442 13.50 11.03 15.34
C LEU A 442 14.99 11.20 15.15
N LYS A 443 15.77 10.82 16.16
CA LYS A 443 17.21 10.78 16.03
C LYS A 443 17.59 9.33 15.81
N VAL A 444 18.27 9.05 14.71
CA VAL A 444 18.52 7.70 14.25
C VAL A 444 19.99 7.54 13.88
N VAL A 445 20.62 6.42 14.26
CA VAL A 445 22.04 6.21 13.91
C VAL A 445 22.21 5.07 12.92
N SER A 446 22.86 5.37 11.79
CA SER A 446 23.22 4.36 10.78
C SER A 446 24.54 3.71 11.15
N VAL A 447 24.45 2.58 11.84
CA VAL A 447 25.61 1.83 12.30
C VAL A 447 25.89 0.69 11.34
N PRO A 448 27.07 0.68 10.66
CA PRO A 448 27.45 -0.45 9.83
C PRO A 448 28.27 -1.47 10.60
N LEU A 455 22.97 -0.05 6.81
CA LEU A 455 22.87 -1.36 7.47
C LEU A 455 21.93 -1.34 8.73
N GLU A 456 22.42 -1.25 9.97
CA GLU A 456 21.51 -1.15 11.16
C GLU A 456 21.13 0.30 11.55
N GLU A 457 19.84 0.61 11.54
CA GLU A 457 19.38 1.90 12.07
C GLU A 457 19.05 1.71 13.51
N VAL A 458 19.48 2.62 14.37
CA VAL A 458 19.13 2.53 15.79
C VAL A 458 18.43 3.80 16.20
N LEU A 459 17.17 3.68 16.58
CA LEU A 459 16.34 4.83 16.84
C LEU A 459 16.62 5.34 18.25
N LEU A 460 17.61 6.20 18.37
CA LEU A 460 18.07 6.61 19.69
C LEU A 460 16.99 7.30 20.51
N GLU A 461 16.35 8.30 19.93
CA GLU A 461 15.28 9.02 20.64
C GLU A 461 14.21 9.58 19.71
N GLU A 462 13.04 9.83 20.30
CA GLU A 462 11.89 10.41 19.61
C GLU A 462 11.35 11.58 20.45
N MET A 463 11.63 12.80 20.00
CA MET A 463 11.35 14.01 20.77
C MET A 463 10.21 14.79 20.16
N THR A 464 9.43 15.43 21.03
CA THR A 464 8.32 16.26 20.63
C THR A 464 8.68 17.70 20.87
N VAL A 465 8.68 18.51 19.80
CA VAL A 465 9.29 19.83 19.84
C VAL A 465 8.31 21.00 19.80
N PHE A 466 7.03 20.69 19.64
CA PHE A 466 5.99 21.70 19.72
C PHE A 466 4.96 21.30 20.76
N ARG A 467 4.47 22.26 21.53
CA ARG A 467 3.44 22.01 22.53
C ARG A 467 2.35 21.14 21.93
N GLU A 468 1.82 21.55 20.77
CA GLU A 468 0.80 20.80 20.02
C GLU A 468 1.31 20.30 18.69
N PRO A 469 0.80 19.14 18.24
CA PRO A 469 1.28 18.59 17.01
C PRO A 469 1.02 19.51 15.83
N THR A 470 2.03 19.71 14.99
CA THR A 470 1.88 20.36 13.68
C THR A 470 2.86 19.68 12.77
N THR A 471 2.73 19.85 11.46
CA THR A 471 3.75 19.25 10.62
C THR A 471 5.00 20.11 10.70
N ILE A 472 6.13 19.43 10.77
CA ILE A 472 7.40 20.11 10.66
C ILE A 472 7.55 20.41 9.20
N SER A 473 7.81 21.67 8.87
CA SER A 473 8.00 22.03 7.48
C SER A 473 9.46 22.28 7.13
N ALA A 474 10.30 22.67 8.10
CA ALA A 474 11.71 23.00 7.81
C ALA A 474 12.62 22.55 8.92
N MET A 475 13.83 22.14 8.55
CA MET A 475 14.84 21.64 9.49
C MET A 475 16.20 22.01 8.94
N GLU A 476 16.98 22.69 9.77
CA GLU A 476 18.33 23.08 9.41
C GLU A 476 19.23 22.83 10.58
N LEU A 477 20.50 22.66 10.26
CA LEU A 477 21.50 22.14 11.17
C LEU A 477 22.71 23.07 11.23
N SER A 478 23.20 23.35 12.44
CA SER A 478 24.38 24.18 12.58
C SER A 478 25.43 23.40 13.34
N THR A 479 26.47 22.96 12.64
CA THR A 479 27.52 22.22 13.30
C THR A 479 28.33 23.13 14.22
N LYS A 480 28.58 24.37 13.80
CA LYS A 480 29.29 25.32 14.67
C LYS A 480 28.64 25.49 16.04
N GLN A 481 27.32 25.57 16.07
CA GLN A 481 26.58 25.77 17.29
C GLN A 481 26.09 24.48 17.89
N GLN A 482 26.24 23.38 17.16
CA GLN A 482 25.74 22.08 17.62
C GLN A 482 24.25 22.16 17.91
N GLN A 483 23.52 22.78 16.99
CA GLN A 483 22.09 23.00 17.17
C GLN A 483 21.27 22.60 15.94
N LEU A 484 19.98 22.37 16.18
CA LEU A 484 19.04 21.98 15.15
C LEU A 484 17.85 22.91 15.22
N TYR A 485 17.39 23.38 14.06
CA TYR A 485 16.33 24.42 14.01
C TYR A 485 15.13 23.89 13.25
N ILE A 486 13.94 24.09 13.77
CA ILE A 486 12.78 23.47 13.17
C ILE A 486 11.71 24.50 12.82
N GLY A 487 10.97 24.24 11.73
CA GLY A 487 9.91 25.13 11.25
C GLY A 487 8.50 24.55 11.19
N SER A 488 7.51 25.44 11.21
CA SER A 488 6.08 25.08 11.11
C SER A 488 5.28 26.37 11.02
N THR A 489 3.96 26.29 10.81
CA THR A 489 3.18 27.53 10.87
C THR A 489 3.05 28.01 12.27
N ALA A 490 3.25 27.11 13.24
CA ALA A 490 3.17 27.48 14.66
C ALA A 490 4.37 28.27 15.15
N GLY A 491 5.54 28.02 14.59
CA GLY A 491 6.71 28.74 15.03
C GLY A 491 7.99 27.99 14.75
N VAL A 492 9.02 28.34 15.49
CA VAL A 492 10.34 27.81 15.29
C VAL A 492 10.90 27.26 16.60
N ALA A 493 11.58 26.12 16.52
CA ALA A 493 12.13 25.43 17.69
C ALA A 493 13.63 25.20 17.57
N GLN A 494 14.30 25.14 18.70
CA GLN A 494 15.73 25.00 18.73
C GLN A 494 16.14 23.82 19.57
N LEU A 495 17.07 23.02 19.07
CA LEU A 495 17.54 21.83 19.75
C LEU A 495 19.05 21.70 19.80
N PRO A 496 19.59 21.31 20.97
CA PRO A 496 20.94 20.81 20.95
C PRO A 496 21.00 19.48 20.22
N LEU A 497 22.04 19.27 19.42
CA LEU A 497 22.22 18.00 18.70
C LEU A 497 22.48 16.82 19.62
N HIS A 498 22.83 17.12 20.86
CA HIS A 498 23.07 16.12 21.89
C HIS A 498 22.83 16.77 23.22
N ARG A 499 22.18 16.04 24.11
CA ARG A 499 22.31 16.32 25.55
C ARG A 499 22.58 14.98 26.19
N CYS A 500 23.84 14.78 26.57
CA CYS A 500 24.31 13.47 26.98
C CYS A 500 23.93 13.09 28.42
N ASP A 501 23.68 14.09 29.25
CA ASP A 501 23.14 13.90 30.60
C ASP A 501 21.88 13.08 30.63
N ILE A 502 21.03 13.32 29.64
CA ILE A 502 19.75 12.69 29.55
C ILE A 502 19.77 11.17 29.72
N TYR A 503 20.84 10.50 29.31
CA TYR A 503 20.95 9.04 29.54
C TYR A 503 21.26 8.82 31.03
N GLY A 504 21.82 7.67 31.42
CA GLY A 504 22.08 7.43 32.85
C GLY A 504 23.16 8.31 33.49
N LYS A 505 23.18 8.30 34.83
CA LYS A 505 24.31 8.81 35.62
C LYS A 505 25.43 7.76 35.58
N ALA A 506 25.04 6.49 35.50
CA ALA A 506 25.98 5.37 35.46
C ALA A 506 26.62 5.25 34.10
N CYS A 507 27.66 4.43 34.01
CA CYS A 507 28.34 4.16 32.75
C CYS A 507 27.48 3.29 31.85
N ALA A 508 27.02 2.16 32.39
CA ALA A 508 26.23 1.20 31.61
C ALA A 508 25.36 1.93 30.60
N GLU A 509 24.52 2.82 31.09
CA GLU A 509 23.50 3.48 30.28
C GLU A 509 24.07 4.34 29.15
N CYS A 510 25.05 5.20 29.46
CA CYS A 510 25.70 6.08 28.45
C CYS A 510 26.37 5.31 27.32
N CYS A 511 26.79 4.09 27.62
CA CYS A 511 27.39 3.22 26.62
C CYS A 511 26.32 2.62 25.71
N LEU A 512 25.32 2.03 26.36
CA LEU A 512 24.11 1.48 25.75
C LEU A 512 23.36 2.39 24.80
N ALA A 513 23.42 3.68 25.07
CA ALA A 513 22.68 4.67 24.29
C ALA A 513 23.04 4.67 22.81
N ARG A 514 24.23 4.19 22.48
CA ARG A 514 24.73 4.07 21.11
C ARG A 514 24.69 5.43 20.43
N ASP A 515 25.12 6.48 21.14
CA ASP A 515 25.06 7.86 20.62
C ASP A 515 26.45 8.39 20.21
N PRO A 516 26.72 8.51 18.91
CA PRO A 516 27.99 9.03 18.42
C PRO A 516 28.52 10.27 19.17
N TYR A 517 27.60 11.15 19.56
CA TYR A 517 27.94 12.34 20.31
C TYR A 517 28.39 12.02 21.73
N CYS A 518 27.80 10.99 22.32
CA CYS A 518 27.93 10.76 23.76
C CYS A 518 28.85 9.62 24.10
N ALA A 519 29.96 9.96 24.74
CA ALA A 519 30.85 8.99 25.34
C ALA A 519 30.85 9.10 26.87
N TRP A 520 31.27 8.03 27.54
CA TRP A 520 31.40 8.04 29.01
C TRP A 520 32.60 8.84 29.47
N ASP A 521 32.28 9.83 30.29
CA ASP A 521 33.22 10.83 30.77
C ASP A 521 34.33 10.22 31.61
N GLY A 522 33.91 9.36 32.53
CA GLY A 522 34.73 8.93 33.65
C GLY A 522 33.90 9.26 34.87
N SER A 523 33.61 10.54 35.02
CA SER A 523 32.73 11.04 36.07
C SER A 523 31.24 10.90 35.68
N SER A 524 30.81 11.57 34.61
CA SER A 524 29.44 11.33 34.08
C SER A 524 29.20 11.74 32.61
N CYS A 525 28.57 10.83 31.87
CA CYS A 525 28.23 10.92 30.45
C CYS A 525 28.14 12.30 29.79
N SER A 526 29.03 12.58 28.84
CA SER A 526 29.10 13.90 28.19
C SER A 526 29.55 13.83 26.71
N ARG A 527 29.67 14.98 26.07
CA ARG A 527 30.16 15.07 24.68
C ARG A 527 31.50 14.33 24.47
N TYR A 528 31.66 13.73 23.29
CA TYR A 528 32.90 13.05 22.92
C TYR A 528 33.75 13.93 22.02
N PHE A 529 35.01 14.14 22.40
CA PHE A 529 36.01 14.82 21.54
C PHE A 529 37.17 13.86 21.17
N PRO A 530 37.81 14.02 19.98
CA PRO A 530 38.99 13.19 19.62
C PRO A 530 40.28 13.25 20.51
N THR A 536 40.53 8.30 28.10
CA THR A 536 39.64 8.09 29.25
C THR A 536 38.21 7.67 28.84
N ARG A 537 37.89 7.71 27.54
CA ARG A 537 36.50 7.53 27.07
C ARG A 537 36.16 6.08 26.69
N ALA A 538 34.86 5.79 26.68
CA ALA A 538 34.37 4.41 26.66
C ALA A 538 33.04 4.17 25.94
N GLN A 539 32.84 4.71 24.74
CA GLN A 539 31.56 4.47 24.06
C GLN A 539 31.65 3.22 23.18
N ASP A 540 30.48 2.67 22.82
CA ASP A 540 30.37 1.53 21.92
C ASP A 540 29.16 1.75 21.03
N ILE A 541 29.41 2.09 19.77
CA ILE A 541 28.36 2.45 18.83
C ILE A 541 27.83 1.21 18.11
N ARG A 542 28.73 0.40 17.57
CA ARG A 542 28.35 -0.93 17.09
C ARG A 542 27.94 -1.67 18.34
N ASN A 543 27.11 -2.69 18.21
CA ASN A 543 26.89 -3.61 19.33
C ASN A 543 26.42 -2.96 20.63
N GLY A 544 27.26 -2.11 21.20
CA GLY A 544 26.90 -1.35 22.38
C GLY A 544 26.60 -2.21 23.58
N ASP A 545 27.54 -3.04 24.00
CA ASP A 545 27.39 -3.74 25.27
C ASP A 545 28.29 -3.09 26.34
N PRO A 546 27.71 -2.81 27.52
CA PRO A 546 28.47 -2.14 28.56
C PRO A 546 29.55 -3.04 29.17
N LEU A 547 29.40 -4.36 29.06
CA LEU A 547 30.33 -5.32 29.69
C LEU A 547 31.74 -5.08 29.20
N THR A 548 31.97 -5.25 27.90
CA THR A 548 33.34 -5.13 27.36
C THR A 548 33.84 -3.68 27.27
N HIS A 549 33.09 -2.73 27.81
CA HIS A 549 33.43 -1.31 27.67
C HIS A 549 33.36 -0.52 28.97
N CYS A 550 32.31 -0.72 29.76
CA CYS A 550 32.27 -0.20 31.14
C CYS A 550 32.88 -1.28 32.05
N SER A 551 33.95 -0.96 32.77
CA SER A 551 34.60 -1.93 33.67
C SER A 551 34.18 -1.71 35.13
N ASP A 552 32.98 -1.18 35.33
CA ASP A 552 32.47 -0.96 36.67
C ASP A 552 31.78 -2.23 37.16
N UNK A 581 7.48 -0.59 38.79
CA UNK A 581 8.53 -0.72 37.77
C UNK A 581 7.96 -0.52 36.35
N UNK A 582 8.71 0.26 35.56
CA UNK A 582 8.39 0.53 34.14
C UNK A 582 9.65 1.19 33.60
N UNK A 583 10.57 0.38 33.04
CA UNK A 583 11.92 0.86 32.69
C UNK A 583 11.98 2.29 32.11
N UNK A 584 13.16 2.92 32.21
CA UNK A 584 13.40 4.25 31.61
C UNK A 584 13.61 4.11 30.10
N UNK A 585 14.39 3.09 29.70
CA UNK A 585 14.55 2.68 28.30
C UNK A 585 13.23 2.10 27.76
N UNK A 586 13.22 1.67 26.50
CA UNK A 586 12.05 1.02 25.89
C UNK A 586 12.41 -0.15 24.96
N UNK A 587 13.68 -0.27 24.55
CA UNK A 587 14.17 -1.48 23.85
C UNK A 587 14.69 -2.53 24.87
N UNK A 588 14.57 -2.25 26.17
CA UNK A 588 14.89 -3.21 27.25
C UNK A 588 13.66 -4.01 27.71
N UNK A 589 13.82 -5.33 27.89
CA UNK A 589 12.75 -6.22 28.40
C UNK A 589 12.86 -6.38 29.92
N UNK A 590 11.72 -6.63 30.58
CA UNK A 590 11.65 -6.74 32.05
C UNK A 590 11.21 -8.14 32.55
N UNK A 591 12.04 -8.78 33.38
CA UNK A 591 11.68 -9.99 34.14
C UNK A 591 11.58 -9.53 35.62
N UNK A 592 10.41 -9.69 36.24
CA UNK A 592 10.04 -8.89 37.46
C UNK A 592 10.60 -9.42 38.79
N UNK A 633 10.96 -6.29 39.04
CA UNK A 633 11.57 -5.53 37.95
C UNK A 633 13.08 -5.77 37.79
N UNK A 634 13.48 -6.65 36.87
CA UNK A 634 14.87 -6.66 36.34
C UNK A 634 14.79 -6.11 34.88
N UNK A 635 15.92 -5.72 34.29
CA UNK A 635 15.95 -5.06 32.95
C UNK A 635 17.08 -5.59 32.06
N UNK A 636 16.77 -5.95 30.81
CA UNK A 636 17.76 -6.56 29.94
C UNK A 636 17.52 -6.23 28.46
N UNK A 637 18.49 -5.52 27.85
CA UNK A 637 18.50 -5.23 26.42
C UNK A 637 19.81 -5.79 25.87
N UNK A 638 19.84 -6.15 24.58
CA UNK A 638 21.06 -6.70 23.97
C UNK A 638 21.92 -5.61 23.25
N UNK A 639 21.64 -5.35 21.97
CA UNK A 639 22.41 -4.40 21.17
C UNK A 639 21.59 -3.87 20.01
N UNK A 643 23.79 -10.97 25.31
CA UNK A 643 22.96 -9.82 25.63
C UNK A 643 23.42 -9.14 26.93
N UNK A 644 22.91 -7.94 27.19
CA UNK A 644 23.33 -7.09 28.33
C UNK A 644 22.21 -6.90 29.35
N UNK A 645 22.31 -7.56 30.50
CA UNK A 645 21.29 -7.50 31.57
C UNK A 645 21.82 -6.84 32.85
N UNK A 646 20.92 -6.23 33.64
CA UNK A 646 21.27 -5.58 34.93
C UNK A 646 20.05 -5.35 35.82
N UNK A 647 20.21 -5.62 37.12
CA UNK A 647 19.08 -5.77 38.05
C UNK A 647 18.44 -4.44 38.48
N UNK A 648 17.29 -4.11 37.90
CA UNK A 648 16.67 -2.79 38.07
C UNK A 648 15.98 -2.51 39.44
N UNK A 649 15.47 -3.57 40.09
CA UNK A 649 14.57 -3.47 41.30
C UNK A 649 13.21 -2.78 41.05
N LYS B 9 -13.32 2.70 8.45
CA LYS B 9 -13.95 1.44 7.94
C LYS B 9 -13.49 0.20 8.73
N ASN B 10 -12.40 0.32 9.48
CA ASN B 10 -12.01 -0.64 10.53
C ASN B 10 -13.07 -0.66 11.62
N ASN B 11 -12.95 -1.63 12.51
CA ASN B 11 -13.68 -1.63 13.78
C ASN B 11 -12.91 -2.28 14.91
N VAL B 12 -13.38 -2.04 16.11
CA VAL B 12 -13.01 -2.87 17.25
C VAL B 12 -14.11 -3.94 17.41
N PRO B 13 -13.72 -5.23 17.55
CA PRO B 13 -14.76 -6.22 17.83
C PRO B 13 -15.45 -5.95 19.16
N ARG B 14 -16.76 -6.08 19.20
CA ARG B 14 -17.46 -5.88 20.45
C ARG B 14 -17.00 -6.94 21.45
N LEU B 15 -17.20 -8.20 21.13
CA LEU B 15 -16.78 -9.29 22.00
C LEU B 15 -15.60 -10.03 21.42
N LYS B 16 -14.76 -10.58 22.30
CA LYS B 16 -13.59 -11.32 21.86
C LYS B 16 -13.42 -12.61 22.66
N LEU B 17 -13.65 -13.74 22.00
CA LEU B 17 -13.55 -15.03 22.67
C LEU B 17 -12.28 -15.80 22.26
N SER B 18 -11.42 -16.06 23.25
CA SER B 18 -10.23 -16.85 23.04
C SER B 18 -10.64 -18.28 22.91
N TYR B 19 -9.71 -19.12 22.49
CA TYR B 19 -10.08 -20.49 22.20
C TYR B 19 -10.64 -21.13 23.44
N LYS B 20 -9.99 -20.85 24.56
CA LYS B 20 -10.37 -21.44 25.82
C LYS B 20 -11.78 -21.01 26.20
N GLU B 21 -12.07 -19.70 26.16
CA GLU B 21 -13.42 -19.23 26.47
C GLU B 21 -14.43 -20.07 25.71
N MET B 22 -14.12 -20.32 24.43
CA MET B 22 -15.00 -20.98 23.49
C MET B 22 -15.30 -22.42 23.89
N LEU B 23 -14.23 -23.18 24.10
CA LEU B 23 -14.33 -24.59 24.42
C LEU B 23 -14.94 -24.84 25.80
N GLU B 24 -14.70 -23.93 26.75
CA GLU B 24 -15.31 -24.05 28.06
C GLU B 24 -16.80 -23.76 27.99
N SER B 25 -17.20 -22.78 27.18
CA SER B 25 -18.61 -22.45 27.05
C SER B 25 -19.29 -23.22 25.91
N ASN B 26 -18.72 -24.36 25.49
CA ASN B 26 -19.30 -25.21 24.43
C ASN B 26 -19.61 -24.58 23.05
N ASN B 27 -18.91 -23.51 22.69
CA ASN B 27 -19.04 -22.93 21.35
C ASN B 27 -18.39 -23.80 20.32
N VAL B 28 -17.23 -24.36 20.61
CA VAL B 28 -16.54 -25.12 19.61
C VAL B 28 -16.62 -26.59 19.86
N ILE B 29 -16.82 -27.31 18.77
CA ILE B 29 -16.59 -28.73 18.70
C ILE B 29 -15.38 -28.92 17.80
N THR B 30 -14.35 -29.60 18.30
CA THR B 30 -13.11 -29.68 17.58
C THR B 30 -12.79 -31.08 17.07
N PHE B 31 -12.25 -31.13 15.86
CA PHE B 31 -11.62 -32.31 15.33
C PHE B 31 -10.14 -31.98 15.18
N ASN B 32 -9.30 -32.54 16.04
CA ASN B 32 -7.84 -32.37 15.93
C ASN B 32 -7.25 -33.20 14.80
N GLY B 33 -8.02 -34.12 14.24
CA GLY B 33 -7.65 -34.81 13.01
C GLY B 33 -6.72 -35.96 13.26
N LEU B 34 -6.67 -36.87 12.29
CA LEU B 34 -5.74 -38.01 12.32
C LEU B 34 -4.27 -37.61 12.30
N ALA B 35 -3.47 -38.35 13.07
CA ALA B 35 -2.04 -38.05 13.24
C ALA B 35 -1.22 -38.40 11.98
N ASN B 36 -1.76 -39.24 11.11
CA ASN B 36 -1.15 -39.47 9.80
C ASN B 36 -1.79 -38.66 8.68
N SER B 37 -2.22 -37.44 8.97
CA SER B 37 -2.91 -36.64 7.94
C SER B 37 -2.82 -35.17 8.21
N SER B 38 -3.46 -34.37 7.37
CA SER B 38 -3.46 -32.92 7.53
C SER B 38 -4.37 -32.30 6.46
N SER B 39 -4.16 -31.02 6.22
CA SER B 39 -4.75 -30.36 5.07
C SER B 39 -6.23 -30.70 4.89
N TYR B 40 -7.00 -30.35 5.92
CA TYR B 40 -8.45 -30.60 5.94
C TYR B 40 -9.08 -29.39 5.27
N HIS B 41 -8.86 -29.34 3.96
CA HIS B 41 -9.08 -28.14 3.18
C HIS B 41 -10.23 -28.22 2.24
N THR B 42 -10.57 -29.41 1.79
CA THR B 42 -11.45 -29.56 0.63
C THR B 42 -12.85 -29.95 1.07
N PHE B 43 -13.68 -28.93 1.29
CA PHE B 43 -15.00 -29.14 1.85
C PHE B 43 -16.06 -29.42 0.80
N LEU B 44 -17.04 -30.28 1.12
CA LEU B 44 -18.25 -30.41 0.33
C LEU B 44 -19.41 -30.56 1.29
N LEU B 45 -20.31 -29.59 1.34
CA LEU B 45 -21.47 -29.65 2.22
C LEU B 45 -22.64 -30.23 1.47
N ASP B 46 -23.33 -31.15 2.11
CA ASP B 46 -24.43 -31.87 1.53
C ASP B 46 -25.52 -31.86 2.57
N GLU B 47 -26.44 -30.91 2.45
CA GLU B 47 -27.56 -30.79 3.39
C GLU B 47 -28.51 -32.01 3.32
N GLU B 48 -28.80 -32.44 2.09
CA GLU B 48 -29.69 -33.58 1.79
C GLU B 48 -29.42 -34.76 2.72
N ARG B 49 -28.22 -35.32 2.65
CA ARG B 49 -27.70 -36.14 3.75
C ARG B 49 -27.30 -35.08 4.69
N SER B 50 -27.50 -35.18 5.97
CA SER B 50 -26.87 -34.11 6.69
C SER B 50 -25.39 -34.43 6.96
N ARG B 51 -24.52 -34.21 5.97
CA ARG B 51 -23.09 -34.49 6.15
C ARG B 51 -22.16 -33.46 5.52
N LEU B 52 -21.00 -33.26 6.13
CA LEU B 52 -19.94 -32.40 5.60
C LEU B 52 -18.76 -33.27 5.16
N TYR B 53 -18.61 -33.44 3.87
CA TYR B 53 -17.50 -34.25 3.35
C TYR B 53 -16.25 -33.41 3.30
N VAL B 54 -15.10 -33.99 3.64
CA VAL B 54 -13.85 -33.24 3.59
C VAL B 54 -12.70 -34.02 2.99
N GLY B 55 -12.04 -33.42 2.00
CA GLY B 55 -10.86 -33.98 1.37
C GLY B 55 -9.59 -33.55 2.08
N ALA B 56 -8.76 -34.52 2.45
CA ALA B 56 -7.55 -34.27 3.23
C ALA B 56 -6.34 -34.97 2.60
N LYS B 57 -5.26 -35.08 3.39
CA LYS B 57 -4.09 -35.86 3.04
C LYS B 57 -4.39 -37.34 3.28
N ASP B 58 -4.51 -38.12 2.19
CA ASP B 58 -4.69 -39.60 2.21
C ASP B 58 -6.05 -40.10 2.74
N HIS B 59 -6.99 -39.20 2.98
CA HIS B 59 -8.32 -39.57 3.46
C HIS B 59 -9.40 -38.64 2.88
N ILE B 60 -10.65 -39.08 2.92
CA ILE B 60 -11.79 -38.18 2.81
C ILE B 60 -12.61 -38.49 4.05
N PHE B 61 -13.14 -37.47 4.68
CA PHE B 61 -13.94 -37.65 5.85
C PHE B 61 -15.38 -37.34 5.51
N SER B 62 -16.29 -37.95 6.27
CA SER B 62 -17.72 -37.74 6.16
C SER B 62 -18.25 -37.35 7.50
N PHE B 63 -18.34 -36.04 7.75
CA PHE B 63 -18.70 -35.56 9.07
C PHE B 63 -20.18 -35.35 9.19
N ASN B 64 -20.72 -35.81 10.29
CA ASN B 64 -22.10 -35.56 10.65
C ASN B 64 -22.31 -34.09 10.99
N LEU B 65 -23.22 -33.46 10.26
CA LEU B 65 -23.45 -32.04 10.45
C LEU B 65 -23.90 -31.68 11.87
N VAL B 66 -24.50 -32.62 12.58
CA VAL B 66 -25.01 -32.35 13.91
C VAL B 66 -23.87 -32.20 14.91
N ASN B 67 -22.79 -32.94 14.64
CA ASN B 67 -21.62 -32.94 15.50
C ASN B 67 -20.47 -33.69 14.79
N ILE B 68 -19.48 -32.91 14.34
CA ILE B 68 -18.40 -33.45 13.53
C ILE B 68 -17.53 -34.47 14.23
N LYS B 69 -17.73 -34.71 15.53
CA LYS B 69 -17.00 -35.78 16.22
C LYS B 69 -17.50 -37.16 15.83
N ASP B 70 -18.72 -37.20 15.30
CA ASP B 70 -19.28 -38.40 14.68
C ASP B 70 -18.95 -38.37 13.18
N PHE B 71 -18.06 -39.26 12.75
CA PHE B 71 -17.71 -39.33 11.33
C PHE B 71 -17.25 -40.71 10.85
N GLN B 72 -17.27 -40.88 9.53
CA GLN B 72 -16.62 -42.02 8.89
C GLN B 72 -15.48 -41.47 8.05
N LYS B 73 -14.66 -42.36 7.55
CA LYS B 73 -13.54 -41.94 6.73
C LYS B 73 -13.17 -42.96 5.70
N ILE B 74 -12.75 -42.50 4.53
CA ILE B 74 -12.18 -43.35 3.49
C ILE B 74 -10.68 -43.18 3.47
N VAL B 75 -9.95 -44.30 3.43
CA VAL B 75 -8.51 -44.23 3.41
C VAL B 75 -8.07 -44.46 1.99
N TRP B 76 -7.50 -43.43 1.38
CA TRP B 76 -7.19 -43.51 -0.04
C TRP B 76 -5.86 -42.85 -0.34
N PRO B 77 -4.74 -43.50 0.05
CA PRO B 77 -3.39 -43.05 -0.25
C PRO B 77 -2.90 -43.70 -1.54
N VAL B 78 -1.70 -43.32 -1.97
CA VAL B 78 -1.09 -43.93 -3.16
C VAL B 78 -0.25 -45.14 -2.78
N SER B 79 0.13 -45.92 -3.79
CA SER B 79 0.93 -47.12 -3.60
C SER B 79 2.37 -46.84 -3.12
N TYR B 80 3.06 -47.91 -2.72
CA TYR B 80 4.47 -47.81 -2.30
C TYR B 80 5.26 -47.34 -3.50
N THR B 81 5.14 -48.07 -4.59
CA THR B 81 5.68 -47.67 -5.90
C THR B 81 5.61 -46.17 -6.12
N ARG B 82 4.44 -45.59 -5.90
CA ARG B 82 4.25 -44.20 -6.23
C ARG B 82 4.89 -43.30 -5.18
N ARG B 83 4.70 -43.61 -3.90
CA ARG B 83 5.45 -42.91 -2.84
C ARG B 83 6.91 -42.85 -3.23
N ASP B 84 7.42 -43.94 -3.73
CA ASP B 84 8.84 -44.01 -4.00
C ASP B 84 9.29 -43.13 -5.17
N GLU B 85 8.54 -43.12 -6.26
CA GLU B 85 8.87 -42.23 -7.38
C GLU B 85 8.92 -40.80 -6.91
N CYS B 86 7.85 -40.41 -6.22
CA CYS B 86 7.65 -39.03 -5.78
C CYS B 86 8.81 -38.59 -4.90
N LYS B 87 9.27 -39.48 -4.02
CA LYS B 87 10.41 -39.22 -3.15
C LYS B 87 11.62 -38.83 -3.98
N TRP B 88 11.97 -39.71 -4.91
CA TRP B 88 13.13 -39.58 -5.78
C TRP B 88 12.97 -38.52 -6.86
N ALA B 89 11.73 -38.06 -7.01
CA ALA B 89 11.47 -36.83 -7.74
C ALA B 89 11.97 -35.60 -6.98
N GLY B 90 12.38 -35.78 -5.73
CA GLY B 90 12.87 -34.68 -4.92
C GLY B 90 11.88 -34.13 -3.90
N LYS B 91 10.60 -34.34 -4.14
CA LYS B 91 9.51 -33.78 -3.30
C LYS B 91 9.52 -34.14 -1.81
N ASP B 92 9.03 -33.20 -0.99
CA ASP B 92 8.96 -33.33 0.46
C ASP B 92 8.06 -34.48 0.89
N ILE B 93 8.64 -35.42 1.63
CA ILE B 93 7.92 -36.65 1.89
C ILE B 93 6.59 -36.47 2.63
N LEU B 94 6.52 -35.54 3.57
CA LEU B 94 5.29 -35.38 4.38
C LEU B 94 4.27 -34.43 3.78
N LYS B 95 4.75 -33.44 3.02
CA LYS B 95 3.90 -32.36 2.54
C LYS B 95 3.50 -32.50 1.07
N GLU B 96 4.25 -33.29 0.31
CA GLU B 96 4.04 -33.44 -1.12
C GLU B 96 3.80 -34.87 -1.53
N CYS B 97 4.50 -35.82 -0.92
CA CYS B 97 4.44 -37.23 -1.38
C CYS B 97 3.29 -38.03 -0.81
N ALA B 98 2.07 -37.55 -1.05
CA ALA B 98 0.90 -38.30 -0.63
C ALA B 98 -0.25 -37.90 -1.51
N ASN B 99 -1.40 -38.52 -1.28
CA ASN B 99 -2.61 -38.16 -2.02
C ASN B 99 -3.41 -37.10 -1.28
N PHE B 100 -3.16 -35.84 -1.61
CA PHE B 100 -3.88 -34.74 -0.99
C PHE B 100 -5.14 -34.50 -1.80
N ILE B 101 -6.31 -34.74 -1.23
CA ILE B 101 -7.52 -34.56 -2.00
C ILE B 101 -7.72 -33.09 -2.27
N LYS B 102 -8.02 -32.76 -3.52
CA LYS B 102 -8.14 -31.37 -3.96
C LYS B 102 -9.50 -31.01 -4.58
N VAL B 103 -10.32 -32.00 -4.86
CA VAL B 103 -11.57 -31.81 -5.60
C VAL B 103 -12.52 -32.82 -5.02
N LEU B 104 -13.75 -32.42 -4.77
CA LEU B 104 -14.70 -33.32 -4.17
C LEU B 104 -16.08 -32.74 -4.33
N GLU B 105 -16.76 -33.13 -5.39
CA GLU B 105 -18.05 -32.55 -5.73
C GLU B 105 -19.02 -33.69 -5.96
N ALA B 106 -20.33 -33.41 -5.87
CA ALA B 106 -21.36 -34.43 -6.15
C ALA B 106 -21.33 -34.84 -7.63
N TYR B 107 -21.66 -36.11 -7.92
CA TYR B 107 -21.65 -36.64 -9.29
C TYR B 107 -23.03 -37.07 -9.86
N ASN B 108 -23.57 -38.22 -9.41
CA ASN B 108 -24.98 -38.62 -9.71
C ASN B 108 -25.73 -38.61 -8.38
N GLN B 109 -26.94 -39.15 -8.30
CA GLN B 109 -27.66 -39.08 -7.02
C GLN B 109 -27.05 -39.99 -5.96
N THR B 110 -26.17 -40.89 -6.36
CA THR B 110 -25.55 -41.81 -5.45
C THR B 110 -24.04 -41.74 -5.36
N HIS B 111 -23.43 -40.77 -6.01
CA HIS B 111 -21.98 -40.75 -6.00
C HIS B 111 -21.37 -39.36 -6.00
N LEU B 112 -20.20 -39.28 -5.37
CA LEU B 112 -19.32 -38.14 -5.47
C LEU B 112 -18.20 -38.49 -6.43
N TYR B 113 -17.55 -37.47 -6.95
CA TYR B 113 -16.34 -37.62 -7.71
C TYR B 113 -15.23 -36.96 -6.92
N ALA B 114 -14.13 -37.66 -6.73
CA ALA B 114 -13.03 -37.15 -5.92
C ALA B 114 -11.69 -37.24 -6.67
N CYS B 115 -10.87 -36.20 -6.54
CA CYS B 115 -9.58 -36.17 -7.18
C CYS B 115 -8.54 -35.67 -6.21
N GLY B 116 -7.32 -36.20 -6.31
CA GLY B 116 -6.22 -35.77 -5.47
C GLY B 116 -4.87 -35.75 -6.15
N THR B 117 -4.00 -34.84 -5.71
CA THR B 117 -2.56 -34.92 -5.88
C THR B 117 -2.19 -36.37 -5.71
N GLY B 118 -1.55 -37.01 -6.69
CA GLY B 118 -1.25 -38.43 -6.51
C GLY B 118 0.17 -38.69 -6.03
N ALA B 119 0.62 -37.92 -5.05
CA ALA B 119 2.05 -37.69 -4.82
C ALA B 119 2.70 -37.36 -6.17
N PHE B 120 2.25 -36.23 -6.70
CA PHE B 120 2.64 -35.73 -8.02
C PHE B 120 2.37 -36.76 -9.11
N HIS B 121 1.16 -37.32 -9.05
CA HIS B 121 0.60 -38.07 -10.16
C HIS B 121 -0.91 -38.10 -9.91
N PRO B 122 -1.60 -36.99 -10.22
CA PRO B 122 -3.00 -36.76 -9.91
C PRO B 122 -3.87 -37.89 -10.35
N ILE B 123 -4.91 -38.18 -9.56
CA ILE B 123 -5.83 -39.30 -9.76
C ILE B 123 -7.23 -38.99 -9.28
N CYS B 124 -8.21 -39.72 -9.80
CA CYS B 124 -9.58 -39.53 -9.42
C CYS B 124 -10.28 -40.85 -9.18
N THR B 125 -11.42 -40.75 -8.51
CA THR B 125 -12.24 -41.92 -8.21
C THR B 125 -13.66 -41.46 -7.89
N TYR B 126 -14.59 -42.40 -7.82
CA TYR B 126 -15.93 -42.11 -7.36
C TYR B 126 -16.06 -42.58 -5.93
N ILE B 127 -17.08 -42.08 -5.24
CA ILE B 127 -17.29 -42.48 -3.86
C ILE B 127 -18.77 -42.68 -3.71
N GLU B 128 -19.17 -43.85 -3.22
CA GLU B 128 -20.59 -44.12 -3.08
C GLU B 128 -21.10 -43.47 -1.80
N VAL B 129 -22.15 -42.69 -1.96
CA VAL B 129 -23.00 -42.23 -0.86
C VAL B 129 -24.41 -42.66 -1.25
N GLY B 130 -25.32 -42.80 -0.32
CA GLY B 130 -26.65 -43.36 -0.71
C GLY B 130 -27.52 -42.46 -1.57
N HIS B 131 -28.72 -42.94 -1.94
CA HIS B 131 -29.80 -42.06 -2.35
C HIS B 131 -30.69 -41.88 -1.13
N HIS B 132 -31.82 -41.18 -1.23
CA HIS B 132 -32.29 -40.37 -0.10
C HIS B 132 -32.99 -41.10 1.07
N PRO B 133 -33.33 -42.39 0.91
CA PRO B 133 -33.75 -43.12 2.11
C PRO B 133 -32.55 -43.72 2.84
N GLU B 134 -31.57 -44.17 2.07
CA GLU B 134 -30.53 -45.13 2.47
C GLU B 134 -29.15 -44.51 2.56
N ASP B 135 -29.02 -43.20 2.68
CA ASP B 135 -27.82 -42.49 2.20
C ASP B 135 -26.68 -42.09 3.15
N ASN B 136 -26.22 -43.00 3.98
CA ASN B 136 -25.00 -42.74 4.73
C ASN B 136 -23.91 -43.70 4.35
N ILE B 137 -23.93 -44.12 3.11
CA ILE B 137 -22.85 -44.95 2.60
C ILE B 137 -21.65 -44.05 2.45
N PHE B 138 -20.47 -44.63 2.58
CA PHE B 138 -19.23 -43.93 2.30
C PHE B 138 -18.22 -44.96 1.80
N LYS B 139 -18.56 -45.56 0.66
CA LYS B 139 -17.79 -46.65 0.12
C LYS B 139 -16.90 -46.06 -0.92
N LEU B 140 -15.64 -46.46 -0.89
CA LEU B 140 -14.68 -46.01 -1.88
C LEU B 140 -14.69 -47.04 -2.96
N GLN B 141 -15.40 -46.78 -4.05
CA GLN B 141 -15.39 -47.75 -5.14
C GLN B 141 -14.00 -47.72 -5.76
N ASP B 142 -13.46 -48.89 -6.05
CA ASP B 142 -12.02 -49.05 -6.16
C ASP B 142 -11.53 -49.55 -7.53
N SER B 143 -10.22 -49.42 -7.76
CA SER B 143 -9.54 -49.90 -8.98
C SER B 143 -10.16 -49.44 -10.31
N HIS B 144 -10.80 -48.27 -10.29
CA HIS B 144 -11.09 -47.55 -11.53
C HIS B 144 -9.87 -46.70 -11.86
N PHE B 145 -9.14 -46.27 -10.80
CA PHE B 145 -8.58 -44.89 -10.68
C PHE B 145 -8.46 -44.16 -12.01
N GLU B 146 -9.23 -43.09 -12.14
CA GLU B 146 -9.22 -42.28 -13.32
C GLU B 146 -8.02 -41.34 -13.22
N ASN B 147 -7.64 -40.77 -14.36
CA ASN B 147 -6.52 -39.87 -14.41
C ASN B 147 -6.93 -38.51 -13.91
N GLY B 148 -6.15 -37.96 -13.01
CA GLY B 148 -6.49 -36.68 -12.43
C GLY B 148 -5.92 -35.46 -13.14
N ARG B 149 -5.22 -35.64 -14.25
CA ARG B 149 -4.60 -34.48 -14.89
C ARG B 149 -5.69 -33.50 -15.22
N GLY B 150 -5.43 -32.22 -15.01
CA GLY B 150 -6.41 -31.18 -15.32
C GLY B 150 -7.63 -31.11 -14.42
N LYS B 151 -7.59 -31.84 -13.31
CA LYS B 151 -8.71 -31.92 -12.38
C LYS B 151 -8.23 -31.55 -10.99
N SER B 152 -7.23 -32.28 -10.53
CA SER B 152 -6.46 -31.88 -9.36
C SER B 152 -5.04 -31.53 -9.78
N PRO B 153 -4.39 -30.67 -9.03
CA PRO B 153 -3.03 -30.31 -9.34
C PRO B 153 -2.09 -31.37 -8.78
N TYR B 154 -0.83 -31.38 -9.25
CA TYR B 154 0.16 -32.31 -8.71
C TYR B 154 0.66 -31.82 -7.37
N ASP B 155 0.72 -30.51 -7.25
CA ASP B 155 1.26 -29.83 -6.09
C ASP B 155 0.11 -29.61 -5.10
N PRO B 156 0.32 -29.92 -3.81
CA PRO B 156 -0.76 -29.62 -2.89
C PRO B 156 -0.87 -28.14 -2.61
N LYS B 157 0.21 -27.37 -2.74
CA LYS B 157 0.12 -25.94 -2.43
C LYS B 157 -0.73 -25.15 -3.41
N LEU B 158 -0.86 -25.61 -4.65
CA LEU B 158 -1.75 -24.95 -5.63
C LEU B 158 -3.21 -25.23 -5.33
N LEU B 159 -4.07 -24.23 -5.47
CA LEU B 159 -5.51 -24.47 -5.24
C LEU B 159 -6.23 -24.66 -6.58
N THR B 160 -7.52 -24.98 -6.52
CA THR B 160 -8.21 -25.43 -7.69
C THR B 160 -9.71 -25.19 -7.66
N ALA B 161 -10.18 -24.23 -8.46
CA ALA B 161 -11.61 -24.05 -8.63
C ALA B 161 -12.15 -25.29 -9.31
N SER B 162 -13.30 -25.76 -8.83
CA SER B 162 -13.96 -26.89 -9.43
C SER B 162 -15.48 -26.85 -9.23
N LEU B 163 -16.18 -27.34 -10.24
CA LEU B 163 -17.61 -27.28 -10.30
C LEU B 163 -18.04 -28.44 -11.17
N LEU B 164 -19.01 -29.22 -10.71
CA LEU B 164 -19.46 -30.40 -11.44
C LEU B 164 -20.98 -30.37 -11.66
N ILE B 165 -21.41 -30.09 -12.90
CA ILE B 165 -22.82 -30.02 -13.27
C ILE B 165 -23.10 -30.75 -14.57
N ASP B 166 -24.22 -31.48 -14.58
CA ASP B 166 -24.55 -32.41 -15.66
C ASP B 166 -23.44 -33.41 -15.91
N GLY B 167 -22.94 -34.00 -14.84
CA GLY B 167 -21.96 -35.08 -14.94
C GLY B 167 -20.65 -34.73 -15.62
N GLU B 168 -20.33 -33.44 -15.63
CA GLU B 168 -19.15 -32.92 -16.31
C GLU B 168 -18.39 -32.04 -15.33
N LEU B 169 -17.08 -32.23 -15.23
CA LEU B 169 -16.27 -31.52 -14.22
C LEU B 169 -15.46 -30.34 -14.76
N TYR B 170 -15.94 -29.12 -14.48
CA TYR B 170 -15.17 -27.90 -14.78
C TYR B 170 -14.17 -27.66 -13.66
N SER B 171 -12.95 -27.27 -14.02
CA SER B 171 -11.91 -27.11 -13.03
C SER B 171 -10.77 -26.26 -13.55
N GLY B 172 -10.38 -25.28 -12.74
CA GLY B 172 -9.28 -24.38 -13.08
C GLY B 172 -8.09 -24.76 -12.23
N THR B 173 -6.97 -25.10 -12.87
CA THR B 173 -5.77 -25.53 -12.16
C THR B 173 -4.58 -25.72 -13.10
N ALA B 174 -3.46 -26.19 -12.55
CA ALA B 174 -2.30 -26.61 -13.33
C ALA B 174 -2.45 -28.03 -13.85
N ALA B 175 -2.04 -28.22 -15.11
CA ALA B 175 -2.24 -29.47 -15.80
C ALA B 175 -0.99 -30.32 -15.80
N ASP B 176 0.00 -29.96 -15.01
CA ASP B 176 1.33 -30.53 -15.23
C ASP B 176 2.20 -30.57 -13.98
N PHE B 177 3.11 -31.53 -13.98
CA PHE B 177 4.06 -31.76 -12.91
C PHE B 177 4.75 -30.49 -12.47
N MET B 178 5.10 -29.69 -13.47
CA MET B 178 5.93 -28.51 -13.26
C MET B 178 5.11 -27.38 -12.67
N GLY B 179 3.80 -27.54 -12.63
CA GLY B 179 2.91 -26.57 -11.99
C GLY B 179 2.81 -25.20 -12.65
N ARG B 180 2.91 -25.16 -13.97
CA ARG B 180 2.93 -23.91 -14.73
C ARG B 180 1.84 -23.80 -15.82
N ASP B 181 1.37 -24.92 -16.36
CA ASP B 181 0.34 -24.92 -17.41
C ASP B 181 -1.09 -24.80 -16.84
N PHE B 182 -1.47 -23.58 -16.48
CA PHE B 182 -2.79 -23.32 -15.91
C PHE B 182 -3.88 -23.23 -16.99
N ALA B 183 -5.08 -23.66 -16.62
CA ALA B 183 -6.18 -23.72 -17.57
C ALA B 183 -7.49 -24.05 -16.85
N ILE B 184 -8.60 -23.71 -17.53
CA ILE B 184 -9.93 -24.13 -17.13
C ILE B 184 -10.24 -25.30 -18.04
N PHE B 185 -10.62 -26.42 -17.42
CA PHE B 185 -10.88 -27.67 -18.09
C PHE B 185 -12.32 -28.11 -17.92
N ARG B 186 -12.86 -28.76 -18.93
CA ARG B 186 -14.00 -29.65 -18.74
C ARG B 186 -13.60 -31.10 -19.05
N THR B 187 -14.03 -32.02 -18.20
CA THR B 187 -13.73 -33.44 -18.34
C THR B 187 -14.95 -34.21 -17.89
N LEU B 188 -14.88 -35.53 -18.03
CA LEU B 188 -16.00 -36.40 -17.73
C LEU B 188 -17.07 -36.33 -18.82
N GLY B 189 -18.15 -37.07 -18.65
CA GLY B 189 -18.75 -37.76 -19.79
C GLY B 189 -19.19 -36.96 -21.00
N HIS B 190 -19.22 -37.69 -22.11
CA HIS B 190 -20.08 -37.49 -23.30
C HIS B 190 -19.59 -36.51 -24.35
N HIS B 191 -18.50 -35.82 -24.07
CA HIS B 191 -17.94 -34.87 -25.02
C HIS B 191 -16.44 -34.82 -24.84
N HIS B 192 -15.73 -34.50 -25.91
CA HIS B 192 -14.28 -34.44 -25.88
C HIS B 192 -13.86 -33.44 -24.78
N PRO B 193 -12.75 -33.73 -24.07
CA PRO B 193 -12.21 -32.76 -23.14
C PRO B 193 -11.92 -31.40 -23.80
N ILE B 194 -12.31 -30.32 -23.14
CA ILE B 194 -12.08 -28.97 -23.64
C ILE B 194 -11.28 -28.22 -22.61
N ARG B 195 -10.39 -27.35 -23.08
CA ARG B 195 -9.68 -26.48 -22.18
C ARG B 195 -9.46 -25.08 -22.73
N THR B 196 -8.90 -24.21 -21.92
CA THR B 196 -8.38 -22.94 -22.39
C THR B 196 -7.14 -23.17 -23.26
N GLU B 197 -6.73 -22.13 -23.99
CA GLU B 197 -5.48 -22.18 -24.75
C GLU B 197 -4.31 -22.49 -23.82
N GLN B 198 -3.15 -22.72 -24.41
CA GLN B 198 -1.97 -23.09 -23.65
C GLN B 198 -0.87 -22.12 -23.96
N HIS B 199 0.03 -21.88 -23.01
CA HIS B 199 1.08 -20.88 -23.21
C HIS B 199 0.56 -19.68 -23.99
N ASP B 200 -0.35 -18.94 -23.35
CA ASP B 200 -0.88 -17.70 -23.88
C ASP B 200 -1.36 -16.82 -22.73
N SER B 201 -0.50 -15.90 -22.30
CA SER B 201 -0.77 -15.07 -21.13
C SER B 201 -1.95 -14.13 -21.29
N ARG B 202 -2.39 -13.94 -22.53
CA ARG B 202 -3.57 -13.13 -22.78
C ARG B 202 -4.76 -13.80 -22.14
N TRP B 203 -4.83 -15.13 -22.27
CA TRP B 203 -5.93 -15.92 -21.73
C TRP B 203 -5.85 -16.03 -20.22
N LEU B 204 -4.81 -16.72 -19.76
CA LEU B 204 -4.51 -16.83 -18.34
C LEU B 204 -3.05 -16.61 -18.17
N ASN B 205 -2.69 -15.79 -17.21
CA ASN B 205 -1.30 -15.48 -17.01
C ASN B 205 -0.82 -15.84 -15.63
N ASP B 206 -0.47 -17.11 -15.45
CA ASP B 206 -0.02 -17.64 -14.19
C ASP B 206 -1.03 -17.35 -13.06
N PRO B 207 -2.26 -17.85 -13.22
CA PRO B 207 -3.36 -17.53 -12.31
C PRO B 207 -3.48 -18.44 -11.11
N ARG B 208 -4.28 -18.00 -10.16
CA ARG B 208 -4.56 -18.77 -8.98
C ARG B 208 -6.07 -18.78 -8.79
N PHE B 209 -6.67 -19.94 -9.02
CA PHE B 209 -8.10 -20.08 -9.07
C PHE B 209 -8.73 -20.18 -7.70
N ILE B 210 -9.97 -19.78 -7.58
CA ILE B 210 -10.58 -19.65 -6.30
C ILE B 210 -11.95 -20.31 -6.16
N SER B 211 -12.84 -20.12 -7.12
CA SER B 211 -14.08 -20.89 -7.14
C SER B 211 -14.72 -20.72 -8.48
N ALA B 212 -15.75 -21.53 -8.75
CA ALA B 212 -16.45 -21.49 -10.02
C ALA B 212 -17.94 -21.81 -9.82
N HIS B 213 -18.80 -21.17 -10.60
CA HIS B 213 -20.22 -21.15 -10.31
C HIS B 213 -21.03 -21.12 -11.58
N LEU B 214 -22.07 -21.96 -11.64
CA LEU B 214 -23.01 -21.97 -12.76
C LEU B 214 -24.15 -21.00 -12.45
N ILE B 215 -24.22 -19.94 -13.24
CA ILE B 215 -25.18 -18.88 -13.03
C ILE B 215 -26.06 -18.77 -14.27
N PRO B 216 -27.35 -19.04 -14.12
CA PRO B 216 -28.24 -18.98 -15.26
C PRO B 216 -28.42 -17.55 -15.74
N GLU B 217 -28.58 -17.37 -17.05
CA GLU B 217 -28.79 -16.04 -17.64
C GLU B 217 -30.27 -15.78 -17.94
N SER B 218 -30.97 -16.83 -18.37
CA SER B 218 -32.35 -16.74 -18.79
C SER B 218 -33.17 -17.85 -18.15
N ASP B 219 -34.37 -18.07 -18.67
CA ASP B 219 -35.13 -19.26 -18.32
C ASP B 219 -34.71 -20.47 -19.18
N ASN B 220 -34.16 -20.22 -20.38
CA ASN B 220 -33.62 -21.28 -21.25
C ASN B 220 -32.28 -21.77 -20.70
N PRO B 221 -32.17 -23.03 -20.22
CA PRO B 221 -30.88 -23.43 -19.66
C PRO B 221 -29.82 -23.86 -20.67
N GLU B 222 -29.96 -23.48 -21.94
CA GLU B 222 -28.84 -23.50 -22.89
C GLU B 222 -28.03 -22.21 -22.80
N ASP B 223 -28.64 -21.15 -22.27
CA ASP B 223 -27.95 -19.86 -22.06
C ASP B 223 -27.04 -19.90 -20.83
N ASP B 224 -27.10 -20.98 -20.06
CA ASP B 224 -26.31 -21.13 -18.84
C ASP B 224 -24.82 -20.88 -19.04
N LYS B 225 -24.22 -20.13 -18.10
CA LYS B 225 -22.77 -19.86 -18.09
C LYS B 225 -22.06 -20.33 -16.82
N VAL B 226 -20.76 -20.62 -16.96
CA VAL B 226 -19.89 -20.97 -15.83
C VAL B 226 -18.93 -19.84 -15.49
N TYR B 227 -19.01 -19.32 -14.27
CA TYR B 227 -18.21 -18.17 -13.90
C TYR B 227 -17.10 -18.65 -13.00
N PHE B 228 -15.85 -18.40 -13.41
CA PHE B 228 -14.67 -18.66 -12.59
C PHE B 228 -14.16 -17.39 -11.94
N PHE B 229 -13.77 -17.47 -10.68
CA PHE B 229 -13.20 -16.33 -9.96
C PHE B 229 -11.77 -16.71 -9.66
N PHE B 230 -10.84 -15.79 -9.95
CA PHE B 230 -9.43 -16.08 -9.77
C PHE B 230 -8.59 -14.81 -9.74
N ARG B 231 -7.27 -14.96 -9.58
CA ARG B 231 -6.35 -13.84 -9.72
C ARG B 231 -5.15 -14.23 -10.55
N GLU B 232 -4.44 -13.25 -11.09
CA GLU B 232 -3.29 -13.54 -11.95
C GLU B 232 -2.39 -12.33 -12.07
N ASN B 233 -1.33 -12.46 -12.87
CA ASN B 233 -0.41 -11.33 -13.11
C ASN B 233 -0.88 -10.41 -14.24
N ALA B 234 -0.68 -9.13 -14.05
CA ALA B 234 -1.00 -8.18 -15.07
C ALA B 234 -0.06 -8.37 -16.26
N ILE B 235 -0.53 -8.03 -17.45
CA ILE B 235 0.34 -7.75 -18.57
C ILE B 235 0.35 -6.22 -18.73
N ASP B 236 1.53 -5.65 -18.86
CA ASP B 236 1.69 -4.25 -18.51
C ASP B 236 1.11 -3.24 -19.51
N SER B 240 4.47 -0.51 -16.24
CA SER B 240 5.71 -1.23 -15.92
C SER B 240 5.78 -1.46 -14.39
N GLY B 241 5.60 -2.70 -13.97
CA GLY B 241 5.64 -3.05 -12.55
C GLY B 241 4.84 -4.32 -12.37
N LYS B 242 5.38 -5.30 -11.67
CA LYS B 242 4.63 -6.52 -11.45
C LYS B 242 3.37 -6.20 -10.64
N ALA B 243 2.27 -6.85 -11.01
CA ALA B 243 0.96 -6.57 -10.42
C ALA B 243 0.01 -7.78 -10.43
N THR B 244 -1.00 -7.72 -9.57
CA THR B 244 -2.03 -8.75 -9.52
C THR B 244 -3.38 -8.18 -9.94
N HIS B 245 -4.04 -8.85 -10.85
CA HIS B 245 -5.41 -8.49 -11.16
C HIS B 245 -6.34 -9.60 -10.68
N ALA B 246 -7.35 -9.23 -9.90
CA ALA B 246 -8.43 -10.17 -9.57
C ALA B 246 -9.32 -10.27 -10.80
N ARG B 247 -9.88 -11.45 -11.07
CA ARG B 247 -10.60 -11.65 -12.31
C ARG B 247 -11.86 -12.45 -12.17
N ILE B 248 -12.80 -12.21 -13.08
CA ILE B 248 -13.98 -13.04 -13.21
C ILE B 248 -14.04 -13.54 -14.66
N GLY B 249 -14.46 -14.79 -14.86
CA GLY B 249 -14.25 -15.49 -16.11
C GLY B 249 -15.52 -16.18 -16.52
N GLN B 250 -15.74 -16.25 -17.82
CA GLN B 250 -17.00 -16.64 -18.38
C GLN B 250 -16.86 -17.73 -19.40
N ILE B 251 -17.61 -18.80 -19.23
CA ILE B 251 -17.66 -19.87 -20.23
C ILE B 251 -19.12 -20.22 -20.48
N CYS B 252 -19.43 -20.73 -21.66
CA CYS B 252 -20.79 -21.19 -21.93
C CYS B 252 -20.86 -22.66 -21.56
N LYS B 253 -21.79 -23.02 -20.67
CA LYS B 253 -22.01 -24.40 -20.29
C LYS B 253 -21.88 -25.31 -21.52
N ASN B 254 -22.68 -25.02 -22.54
CA ASN B 254 -22.76 -25.80 -23.79
C ASN B 254 -21.80 -25.35 -24.95
N ASP B 255 -20.62 -24.87 -24.58
CA ASP B 255 -19.56 -24.54 -25.52
C ASP B 255 -18.82 -25.82 -25.83
N PHE B 256 -18.58 -26.10 -27.10
CA PHE B 256 -18.00 -27.38 -27.50
C PHE B 256 -16.73 -27.31 -28.34
N GLY B 257 -16.29 -26.10 -28.66
CA GLY B 257 -15.06 -25.92 -29.40
C GLY B 257 -15.39 -25.45 -30.78
N GLY B 258 -14.35 -25.10 -31.54
CA GLY B 258 -14.52 -24.52 -32.86
C GLY B 258 -14.41 -25.59 -33.92
N HIS B 259 -14.74 -25.19 -35.15
CA HIS B 259 -14.72 -26.10 -36.27
C HIS B 259 -13.26 -26.31 -36.71
N ARG B 260 -12.66 -25.28 -37.31
CA ARG B 260 -11.30 -25.35 -37.91
C ARG B 260 -10.21 -24.85 -36.96
N SER B 261 -10.59 -23.91 -36.11
CA SER B 261 -9.70 -23.25 -35.21
C SER B 261 -10.20 -23.53 -33.80
N LEU B 262 -9.32 -23.43 -32.81
CA LEU B 262 -9.73 -23.66 -31.42
C LEU B 262 -10.50 -24.98 -31.34
N VAL B 263 -9.89 -26.03 -31.85
CA VAL B 263 -10.49 -27.35 -31.78
C VAL B 263 -10.38 -27.73 -30.31
N ASN B 264 -11.48 -28.22 -29.74
CA ASN B 264 -11.53 -28.61 -28.31
C ASN B 264 -10.93 -27.59 -27.33
N LYS B 265 -11.12 -26.31 -27.64
CA LYS B 265 -10.76 -25.24 -26.72
C LYS B 265 -11.95 -24.31 -26.60
N TRP B 266 -12.06 -23.60 -25.49
CA TRP B 266 -13.19 -22.70 -25.31
C TRP B 266 -13.21 -21.63 -26.39
N THR B 267 -14.40 -21.21 -26.77
CA THR B 267 -14.57 -20.09 -27.69
C THR B 267 -15.37 -18.99 -26.99
N THR B 268 -15.99 -19.36 -25.87
CA THR B 268 -16.80 -18.48 -25.07
C THR B 268 -15.99 -17.74 -24.01
N PHE B 269 -14.71 -18.09 -23.88
CA PHE B 269 -13.90 -17.57 -22.77
C PHE B 269 -13.73 -16.06 -22.84
N LEU B 270 -14.20 -15.37 -21.81
CA LEU B 270 -13.95 -13.96 -21.65
C LEU B 270 -13.65 -13.68 -20.19
N LYS B 271 -12.82 -12.68 -19.93
CA LYS B 271 -12.41 -12.41 -18.57
C LYS B 271 -12.32 -10.92 -18.34
N ALA B 272 -12.60 -10.51 -17.12
CA ALA B 272 -12.65 -9.11 -16.78
C ALA B 272 -11.99 -8.94 -15.45
N ARG B 273 -11.48 -7.76 -15.17
CA ARG B 273 -10.83 -7.51 -13.91
C ARG B 273 -11.85 -7.15 -12.85
N LEU B 274 -11.70 -7.72 -11.65
CA LEU B 274 -12.43 -7.26 -10.48
C LEU B 274 -11.60 -6.22 -9.78
N ILE B 275 -12.22 -5.08 -9.53
CA ILE B 275 -11.56 -4.04 -8.78
C ILE B 275 -12.17 -3.93 -7.40
N CYS B 276 -11.33 -3.96 -6.38
CA CYS B 276 -11.77 -3.74 -5.01
C CYS B 276 -10.84 -2.73 -4.42
N SER B 277 -11.26 -1.47 -4.44
CA SER B 277 -10.36 -0.37 -4.10
C SER B 277 -11.07 0.72 -3.32
N VAL B 278 -10.33 1.39 -2.46
CA VAL B 278 -10.84 2.50 -1.67
C VAL B 278 -10.37 3.82 -2.26
N PRO B 279 -11.31 4.65 -2.75
CA PRO B 279 -10.99 5.97 -3.30
C PRO B 279 -10.25 6.83 -2.31
N GLY B 280 -9.12 7.39 -2.74
CA GLY B 280 -8.27 8.23 -1.90
C GLY B 280 -8.53 9.69 -2.22
N PRO B 281 -8.00 10.60 -1.38
CA PRO B 281 -8.22 12.02 -1.56
C PRO B 281 -7.46 12.57 -2.77
N ASN B 282 -6.23 12.10 -3.00
CA ASN B 282 -5.46 12.54 -4.14
C ASN B 282 -5.99 12.00 -5.46
N GLY B 283 -7.00 11.14 -5.40
CA GLY B 283 -7.42 10.41 -6.58
C GLY B 283 -6.45 9.28 -6.93
N ILE B 284 -5.59 8.89 -5.98
CA ILE B 284 -4.89 7.60 -6.04
C ILE B 284 -5.60 6.67 -5.08
N ASP B 285 -6.40 5.77 -5.63
CA ASP B 285 -7.14 4.80 -4.85
C ASP B 285 -6.19 3.81 -4.19
N THR B 286 -6.68 3.12 -3.16
CA THR B 286 -5.95 2.03 -2.51
C THR B 286 -6.57 0.66 -2.87
N HIS B 287 -5.80 -0.16 -3.58
CA HIS B 287 -6.27 -1.43 -4.12
C HIS B 287 -6.02 -2.65 -3.24
N PHE B 288 -6.93 -3.61 -3.34
CA PHE B 288 -6.85 -4.89 -2.65
C PHE B 288 -6.99 -5.93 -3.75
N ASP B 289 -5.87 -6.22 -4.41
CA ASP B 289 -5.94 -7.00 -5.65
C ASP B 289 -5.92 -8.53 -5.47
N GLU B 290 -5.44 -9.02 -4.32
CA GLU B 290 -5.32 -10.45 -4.06
C GLU B 290 -6.62 -11.07 -3.62
N LEU B 291 -7.37 -11.63 -4.58
CA LEU B 291 -8.63 -12.32 -4.30
C LEU B 291 -8.37 -13.57 -3.47
N GLN B 292 -9.26 -13.91 -2.52
CA GLN B 292 -9.06 -15.06 -1.61
C GLN B 292 -10.23 -16.06 -1.55
N ASP B 293 -11.40 -15.65 -1.06
CA ASP B 293 -12.61 -16.47 -1.16
C ASP B 293 -13.62 -15.62 -1.95
N VAL B 294 -14.67 -16.30 -2.38
CA VAL B 294 -15.80 -15.70 -3.05
C VAL B 294 -16.96 -16.46 -2.44
N PHE B 295 -18.08 -15.79 -2.25
CA PHE B 295 -19.23 -16.50 -1.73
C PHE B 295 -20.47 -15.90 -2.33
N LEU B 296 -21.23 -16.70 -3.08
CA LEU B 296 -22.50 -16.24 -3.66
C LEU B 296 -23.62 -16.27 -2.63
N MET B 297 -24.45 -15.24 -2.64
CA MET B 297 -25.58 -15.15 -1.75
C MET B 297 -26.79 -15.24 -2.65
N ASN B 298 -27.61 -16.25 -2.47
CA ASN B 298 -28.75 -16.39 -3.35
C ASN B 298 -29.92 -15.51 -2.97
N SER B 299 -30.34 -14.71 -3.94
CA SER B 299 -31.50 -13.84 -3.83
C SER B 299 -32.74 -14.62 -4.31
N LYS B 300 -33.86 -13.94 -4.45
CA LYS B 300 -35.06 -14.55 -5.05
C LYS B 300 -34.82 -14.89 -6.52
N ASP B 301 -33.91 -14.15 -7.16
CA ASP B 301 -33.55 -14.37 -8.56
C ASP B 301 -32.25 -15.18 -8.62
N PRO B 302 -32.32 -16.39 -9.20
CA PRO B 302 -31.12 -17.22 -9.28
C PRO B 302 -30.14 -16.76 -10.37
N LYS B 303 -30.53 -15.76 -11.15
CA LYS B 303 -29.66 -15.22 -12.19
C LYS B 303 -28.85 -14.04 -11.70
N ASN B 304 -29.09 -13.57 -10.47
CA ASN B 304 -28.33 -12.46 -9.88
C ASN B 304 -28.01 -12.70 -8.42
N PRO B 305 -27.16 -13.69 -8.13
CA PRO B 305 -26.65 -13.80 -6.78
C PRO B 305 -25.81 -12.60 -6.47
N ILE B 306 -25.60 -12.35 -5.19
CA ILE B 306 -24.75 -11.22 -4.78
C ILE B 306 -23.38 -11.80 -4.48
N VAL B 307 -22.40 -11.45 -5.30
CA VAL B 307 -21.07 -11.99 -5.10
C VAL B 307 -20.44 -11.25 -3.93
N TYR B 308 -20.07 -11.96 -2.87
CA TYR B 308 -19.21 -11.40 -1.85
C TYR B 308 -17.82 -11.92 -2.15
N GLY B 309 -16.83 -11.03 -2.06
CA GLY B 309 -15.42 -11.38 -2.31
C GLY B 309 -14.46 -10.84 -1.24
N VAL B 310 -13.55 -11.70 -0.78
CA VAL B 310 -12.52 -11.33 0.20
C VAL B 310 -11.24 -11.00 -0.54
N PHE B 311 -10.63 -9.87 -0.22
CA PHE B 311 -9.46 -9.39 -0.94
C PHE B 311 -8.44 -8.89 0.05
N THR B 312 -7.17 -8.99 -0.33
CA THR B 312 -6.08 -8.51 0.52
C THR B 312 -5.05 -7.77 -0.31
N THR B 313 -4.19 -6.99 0.36
CA THR B 313 -3.14 -6.22 -0.29
C THR B 313 -2.09 -7.13 -0.90
N SER B 314 -1.45 -6.60 -1.94
CA SER B 314 -0.39 -7.31 -2.67
C SER B 314 0.89 -7.15 -1.91
N SER B 315 0.96 -6.09 -1.11
CA SER B 315 2.19 -5.73 -0.42
C SER B 315 2.51 -6.68 0.71
N ASN B 316 3.81 -6.84 0.91
CA ASN B 316 4.34 -7.55 2.03
C ASN B 316 4.33 -6.64 3.27
N ILE B 317 4.86 -5.43 3.06
CA ILE B 317 5.04 -4.41 4.10
C ILE B 317 3.73 -4.05 4.83
N PHE B 318 2.69 -3.79 4.04
CA PHE B 318 1.40 -3.36 4.56
C PHE B 318 0.45 -4.54 4.44
N LYS B 319 0.03 -5.11 5.56
CA LYS B 319 -1.07 -6.07 5.57
C LYS B 319 -2.47 -5.41 5.64
N GLY B 320 -3.34 -5.73 4.68
CA GLY B 320 -4.69 -5.21 4.65
C GLY B 320 -5.68 -6.22 4.08
N SER B 321 -6.95 -6.05 4.40
CA SER B 321 -7.96 -6.97 3.88
C SER B 321 -9.24 -6.21 3.60
N ALA B 322 -10.09 -6.79 2.79
CA ALA B 322 -11.24 -6.05 2.30
C ALA B 322 -12.30 -6.99 1.85
N VAL B 323 -13.53 -6.51 1.90
CA VAL B 323 -14.67 -7.29 1.44
C VAL B 323 -15.46 -6.45 0.46
N CYS B 324 -15.62 -6.95 -0.75
CA CYS B 324 -16.26 -6.19 -1.79
C CYS B 324 -17.46 -6.99 -2.24
N MET B 325 -18.60 -6.33 -2.46
CA MET B 325 -19.76 -6.99 -3.06
C MET B 325 -19.86 -6.64 -4.52
N TYR B 326 -20.42 -7.53 -5.31
CA TYR B 326 -20.48 -7.34 -6.77
C TYR B 326 -21.83 -7.81 -7.33
N SER B 327 -22.40 -6.99 -8.21
CA SER B 327 -23.70 -7.26 -8.79
C SER B 327 -23.51 -8.04 -10.07
N MET B 328 -24.31 -9.06 -10.29
CA MET B 328 -24.15 -9.82 -11.53
C MET B 328 -24.56 -9.02 -12.78
N SER B 329 -25.48 -8.06 -12.65
CA SER B 329 -25.83 -7.22 -13.80
C SER B 329 -24.70 -6.20 -14.10
N ASP B 330 -24.01 -5.72 -13.07
CA ASP B 330 -22.73 -5.00 -13.23
C ASP B 330 -21.73 -5.82 -14.04
N VAL B 331 -21.58 -7.10 -13.70
CA VAL B 331 -20.59 -7.96 -14.35
C VAL B 331 -20.94 -8.13 -15.82
N ARG B 332 -22.23 -8.33 -16.09
CA ARG B 332 -22.67 -8.60 -17.46
C ARG B 332 -22.46 -7.40 -18.36
N ARG B 333 -22.67 -6.21 -17.82
CA ARG B 333 -22.46 -4.99 -18.57
C ARG B 333 -21.04 -5.00 -19.10
N VAL B 334 -20.12 -5.43 -18.25
CA VAL B 334 -18.70 -5.41 -18.58
C VAL B 334 -18.39 -6.43 -19.68
N PHE B 335 -19.01 -7.58 -19.60
CA PHE B 335 -18.75 -8.61 -20.58
C PHE B 335 -19.41 -8.32 -21.90
N LEU B 336 -20.32 -7.35 -21.91
CA LEU B 336 -20.96 -6.89 -23.15
C LEU B 336 -20.31 -5.67 -23.75
N GLY B 337 -19.57 -4.92 -22.93
CA GLY B 337 -18.85 -3.71 -23.36
C GLY B 337 -17.57 -3.99 -24.15
N PRO B 338 -16.66 -3.00 -24.23
CA PRO B 338 -15.55 -3.11 -25.17
C PRO B 338 -14.57 -4.19 -24.75
N TYR B 339 -14.07 -4.93 -25.73
CA TYR B 339 -13.00 -5.91 -25.54
C TYR B 339 -11.69 -5.17 -25.38
N ALA B 340 -10.70 -5.82 -24.80
CA ALA B 340 -9.36 -5.25 -24.70
C ALA B 340 -8.64 -5.49 -26.03
N HIS B 341 -7.68 -4.62 -26.37
CA HIS B 341 -7.04 -4.73 -27.69
C HIS B 341 -5.71 -4.02 -27.82
N ARG B 342 -4.80 -4.63 -28.56
CA ARG B 342 -3.62 -3.96 -29.04
C ARG B 342 -3.36 -4.36 -30.48
N ASP B 343 -2.67 -3.48 -31.18
CA ASP B 343 -2.21 -3.77 -32.51
C ASP B 343 -0.86 -4.49 -32.44
N GLY B 344 -0.25 -4.55 -31.26
CA GLY B 344 1.07 -5.16 -31.11
C GLY B 344 1.60 -5.18 -29.67
N PRO B 345 2.85 -5.64 -29.47
CA PRO B 345 3.37 -5.78 -28.10
C PRO B 345 3.76 -4.44 -27.50
N ASN B 346 4.03 -3.46 -28.37
CA ASN B 346 4.53 -2.17 -27.98
C ASN B 346 3.42 -1.14 -27.98
N TYR B 347 2.19 -1.60 -27.86
CA TYR B 347 1.04 -0.72 -27.88
C TYR B 347 0.32 -0.75 -26.56
N GLN B 348 -0.30 0.37 -26.23
CA GLN B 348 -1.14 0.48 -25.06
C GLN B 348 -2.36 -0.38 -25.28
N TRP B 349 -2.92 -0.91 -24.21
CA TRP B 349 -4.20 -1.61 -24.30
C TRP B 349 -5.29 -0.56 -24.52
N VAL B 350 -6.32 -0.92 -25.28
CA VAL B 350 -7.21 0.05 -25.88
C VAL B 350 -8.59 -0.56 -26.07
N PRO B 351 -9.66 0.22 -25.85
CA PRO B 351 -11.00 -0.33 -26.05
C PRO B 351 -11.25 -0.54 -27.53
N TYR B 352 -11.64 -1.76 -27.88
CA TYR B 352 -11.80 -2.16 -29.27
C TYR B 352 -13.00 -1.51 -29.90
N GLN B 353 -12.75 -0.77 -30.99
CA GLN B 353 -13.81 -0.12 -31.75
C GLN B 353 -13.77 -0.49 -33.23
N GLY B 354 -13.27 -1.66 -33.57
CA GLY B 354 -13.50 -2.24 -34.90
C GLY B 354 -14.85 -2.94 -34.91
N ARG B 355 -15.10 -3.75 -35.96
CA ARG B 355 -16.35 -4.50 -36.04
C ARG B 355 -16.26 -5.70 -35.15
N VAL B 356 -17.17 -5.80 -34.20
CA VAL B 356 -17.27 -6.94 -33.31
C VAL B 356 -18.01 -8.07 -34.05
N PRO B 357 -17.29 -9.10 -34.55
CA PRO B 357 -18.03 -10.11 -35.34
C PRO B 357 -19.27 -10.71 -34.66
N TYR B 358 -20.21 -11.17 -35.47
CA TYR B 358 -21.49 -11.68 -35.00
C TYR B 358 -21.63 -13.15 -35.42
N PRO B 359 -22.22 -13.98 -34.55
CA PRO B 359 -22.73 -13.66 -33.19
C PRO B 359 -21.62 -13.21 -32.23
N ARG B 360 -21.96 -12.38 -31.25
CA ARG B 360 -20.94 -11.79 -30.38
C ARG B 360 -20.14 -12.86 -29.65
N PRO B 361 -18.81 -12.75 -29.64
CA PRO B 361 -18.02 -13.68 -28.84
C PRO B 361 -18.33 -13.51 -27.36
N GLY B 362 -18.67 -14.61 -26.70
CA GLY B 362 -19.16 -14.57 -25.32
C GLY B 362 -20.56 -15.11 -25.26
N THR B 363 -21.31 -14.95 -26.36
CA THR B 363 -22.72 -15.35 -26.44
C THR B 363 -22.85 -16.85 -26.64
N CYS B 364 -23.80 -17.47 -25.95
CA CYS B 364 -23.96 -18.91 -26.05
C CYS B 364 -24.69 -19.34 -27.34
N PRO B 365 -24.41 -20.57 -27.81
CA PRO B 365 -25.24 -21.09 -28.87
C PRO B 365 -26.66 -21.27 -28.37
N SER B 366 -27.64 -20.89 -29.19
CA SER B 366 -29.01 -21.18 -28.85
C SER B 366 -29.71 -21.88 -30.02
N LYS B 367 -30.87 -22.46 -29.74
CA LYS B 367 -31.77 -22.94 -30.79
C LYS B 367 -32.75 -21.83 -31.22
N THR B 368 -33.08 -20.92 -30.32
CA THR B 368 -33.93 -19.75 -30.64
C THR B 368 -33.21 -18.73 -31.57
N PHE B 369 -32.47 -17.77 -31.00
CA PHE B 369 -31.90 -16.66 -31.80
C PHE B 369 -30.61 -17.01 -32.55
N GLY B 370 -30.41 -16.35 -33.69
CA GLY B 370 -29.22 -16.54 -34.51
C GLY B 370 -29.37 -17.68 -35.50
N GLY B 371 -30.04 -18.76 -35.08
CA GLY B 371 -30.16 -19.99 -35.88
C GLY B 371 -29.13 -21.02 -35.46
N PHE B 372 -27.93 -20.54 -35.10
CA PHE B 372 -26.71 -21.36 -34.96
C PHE B 372 -26.74 -22.33 -33.79
N ASP B 373 -26.65 -23.62 -34.09
CA ASP B 373 -26.96 -24.66 -33.12
C ASP B 373 -25.77 -25.14 -32.29
N SER B 374 -24.57 -24.69 -32.65
CA SER B 374 -23.38 -25.10 -31.92
C SER B 374 -22.25 -24.12 -32.08
N THR B 375 -21.19 -24.36 -31.33
CA THR B 375 -20.00 -23.56 -31.39
C THR B 375 -19.19 -23.93 -32.65
N LYS B 376 -19.41 -25.14 -33.18
CA LYS B 376 -18.73 -25.60 -34.40
C LYS B 376 -19.39 -25.09 -35.68
N ASP B 377 -20.64 -24.62 -35.56
CA ASP B 377 -21.37 -23.88 -36.61
C ASP B 377 -20.94 -22.42 -36.66
N LEU B 378 -20.03 -21.99 -35.77
CA LEU B 378 -19.64 -20.58 -35.74
C LEU B 378 -18.78 -20.24 -36.94
N PRO B 379 -18.96 -19.05 -37.52
CA PRO B 379 -18.06 -18.57 -38.57
C PRO B 379 -16.60 -18.49 -38.08
N ASP B 380 -15.64 -18.52 -38.99
CA ASP B 380 -14.22 -18.48 -38.60
C ASP B 380 -13.77 -17.11 -38.08
N ASP B 381 -14.44 -16.03 -38.50
CA ASP B 381 -14.03 -14.72 -38.04
C ASP B 381 -14.45 -14.43 -36.58
N VAL B 382 -15.53 -15.03 -36.06
CA VAL B 382 -15.81 -14.91 -34.60
C VAL B 382 -14.86 -15.79 -33.79
N ILE B 383 -14.32 -16.84 -34.42
CA ILE B 383 -13.39 -17.73 -33.73
C ILE B 383 -12.00 -17.10 -33.65
N THR B 384 -11.59 -16.31 -34.64
CA THR B 384 -10.24 -15.70 -34.64
C THR B 384 -10.17 -14.46 -33.74
N PHE B 385 -11.23 -13.68 -33.73
CA PHE B 385 -11.48 -12.75 -32.64
C PHE B 385 -11.68 -13.67 -31.45
N ALA B 386 -11.38 -13.22 -30.25
CA ALA B 386 -11.59 -14.05 -29.03
C ALA B 386 -10.55 -15.15 -28.87
N ARG B 387 -10.04 -15.70 -29.96
CA ARG B 387 -8.75 -16.33 -29.92
C ARG B 387 -7.73 -15.32 -29.37
N SER B 388 -7.96 -14.04 -29.67
CA SER B 388 -7.00 -12.99 -29.38
C SER B 388 -7.52 -11.86 -28.50
N HIS B 389 -8.83 -11.85 -28.27
CA HIS B 389 -9.46 -10.91 -27.33
C HIS B 389 -10.23 -11.69 -26.30
N PRO B 390 -9.50 -12.41 -25.44
CA PRO B 390 -10.16 -13.08 -24.35
C PRO B 390 -10.46 -12.11 -23.18
N ALA B 391 -9.73 -11.01 -23.09
CA ALA B 391 -9.94 -10.10 -21.98
C ALA B 391 -10.82 -8.96 -22.43
N MET B 392 -11.72 -8.55 -21.53
CA MET B 392 -12.50 -7.32 -21.66
C MET B 392 -11.67 -6.13 -21.25
N TYR B 393 -12.12 -4.94 -21.62
CA TYR B 393 -11.39 -3.73 -21.33
C TYR B 393 -11.85 -3.15 -20.03
N ASN B 394 -13.15 -2.96 -19.90
CA ASN B 394 -13.64 -2.40 -18.66
C ASN B 394 -13.43 -3.38 -17.52
N PRO B 395 -13.08 -2.86 -16.33
CA PRO B 395 -13.10 -3.68 -15.15
C PRO B 395 -14.49 -3.67 -14.52
N VAL B 396 -14.69 -4.55 -13.54
CA VAL B 396 -15.92 -4.63 -12.77
C VAL B 396 -15.65 -3.97 -11.45
N PHE B 397 -16.52 -3.04 -11.06
CA PHE B 397 -16.39 -2.36 -9.80
C PHE B 397 -17.40 -2.90 -8.79
N PRO B 398 -17.04 -2.86 -7.51
CA PRO B 398 -18.00 -3.30 -6.51
C PRO B 398 -19.23 -2.40 -6.44
N ILE B 399 -20.34 -2.95 -6.00
CA ILE B 399 -21.50 -2.15 -5.59
C ILE B 399 -21.03 -0.99 -4.70
N ASN B 400 -21.27 0.23 -5.13
CA ASN B 400 -20.84 1.48 -4.45
C ASN B 400 -19.34 1.78 -4.51
N ASN B 401 -18.66 1.24 -5.49
CA ASN B 401 -17.23 1.53 -5.74
C ASN B 401 -16.35 1.55 -4.50
N ARG B 402 -16.77 0.77 -3.50
CA ARG B 402 -16.12 0.73 -2.20
C ARG B 402 -16.23 -0.67 -1.68
N PRO B 403 -15.28 -1.06 -0.85
CA PRO B 403 -15.50 -2.20 0.02
C PRO B 403 -16.60 -1.91 1.03
N ILE B 404 -17.34 -2.95 1.37
CA ILE B 404 -18.15 -3.04 2.58
C ILE B 404 -17.29 -2.81 3.82
N MET B 405 -16.10 -3.38 3.82
CA MET B 405 -15.30 -3.43 5.03
C MET B 405 -13.79 -3.52 4.71
N ILE B 406 -13.00 -2.87 5.58
CA ILE B 406 -11.57 -2.75 5.44
C ILE B 406 -10.96 -3.15 6.74
N LYS B 407 -9.82 -3.82 6.68
CA LYS B 407 -9.12 -4.22 7.90
C LYS B 407 -7.62 -4.11 7.69
N THR B 408 -7.09 -2.94 8.07
CA THR B 408 -5.69 -2.63 7.84
C THR B 408 -4.91 -2.40 9.11
N ASP B 409 -5.54 -1.76 10.09
CA ASP B 409 -4.90 -1.50 11.39
C ASP B 409 -4.28 -2.75 11.98
N VAL B 410 -4.79 -3.92 11.65
CA VAL B 410 -4.38 -5.15 12.32
C VAL B 410 -3.41 -6.05 11.54
N ASN B 411 -2.63 -6.82 12.30
CA ASN B 411 -1.57 -7.70 11.80
C ASN B 411 -1.99 -8.99 11.06
N TYR B 412 -3.27 -9.36 11.08
CA TYR B 412 -3.75 -10.53 10.30
C TYR B 412 -4.44 -10.17 8.95
N GLN B 413 -4.70 -11.19 8.15
CA GLN B 413 -5.41 -11.00 6.89
C GLN B 413 -6.65 -11.88 6.80
N PHE B 414 -7.62 -11.45 6.00
CA PHE B 414 -8.77 -12.28 5.72
C PHE B 414 -8.39 -13.45 4.80
N THR B 415 -9.02 -14.60 5.03
CA THR B 415 -8.82 -15.75 4.17
C THR B 415 -10.11 -16.27 3.54
N GLN B 416 -11.16 -16.41 4.34
CA GLN B 416 -12.41 -17.00 3.86
C GLN B 416 -13.64 -16.31 4.43
N ILE B 417 -14.77 -16.59 3.79
CA ILE B 417 -16.02 -15.94 4.14
C ILE B 417 -17.23 -16.83 3.85
N VAL B 418 -18.29 -16.61 4.63
CA VAL B 418 -19.64 -17.05 4.30
C VAL B 418 -20.63 -16.03 4.84
N VAL B 419 -21.84 -16.08 4.32
CA VAL B 419 -22.85 -15.10 4.71
C VAL B 419 -24.21 -15.76 4.86
N ASP B 420 -24.80 -15.54 6.03
CA ASP B 420 -26.16 -15.97 6.33
C ASP B 420 -27.05 -14.78 6.09
N ARG B 421 -28.34 -15.03 5.87
CA ARG B 421 -29.33 -13.97 5.69
C ARG B 421 -30.29 -14.09 6.83
N VAL B 422 -29.98 -13.44 7.95
CA VAL B 422 -30.76 -13.64 9.15
C VAL B 422 -32.06 -12.83 9.10
N ASP B 423 -33.17 -13.52 9.34
CA ASP B 423 -34.46 -12.89 9.36
C ASP B 423 -34.70 -12.47 10.80
N ALA B 424 -34.70 -11.15 11.00
CA ALA B 424 -34.77 -10.52 12.32
C ALA B 424 -36.07 -9.68 12.49
N GLU B 425 -36.20 -9.00 13.62
CA GLU B 425 -37.42 -8.23 13.94
C GLU B 425 -37.57 -6.98 13.05
N ASP B 426 -36.58 -6.08 13.06
CA ASP B 426 -36.52 -4.92 12.13
C ASP B 426 -36.67 -5.36 10.70
N GLY B 427 -35.94 -6.42 10.33
CA GLY B 427 -36.02 -7.01 8.99
C GLY B 427 -35.00 -8.10 8.74
N GLN B 428 -34.48 -8.17 7.52
CA GLN B 428 -33.42 -9.12 7.21
C GLN B 428 -32.07 -8.43 7.31
N TYR B 429 -31.06 -9.20 7.67
CA TYR B 429 -29.68 -8.69 7.82
C TYR B 429 -28.67 -9.72 7.32
N ASP B 430 -27.65 -9.25 6.60
CA ASP B 430 -26.62 -10.13 6.05
C ASP B 430 -25.48 -10.28 7.04
N VAL B 431 -25.37 -11.44 7.67
CA VAL B 431 -24.32 -11.63 8.66
C VAL B 431 -23.12 -12.35 8.03
N MET B 432 -21.99 -11.64 7.97
CA MET B 432 -20.76 -12.22 7.47
C MET B 432 -20.00 -12.94 8.59
N PHE B 433 -19.54 -14.15 8.30
CA PHE B 433 -18.54 -14.83 9.13
C PHE B 433 -17.26 -14.85 8.33
N ILE B 434 -16.20 -14.25 8.84
CA ILE B 434 -14.96 -14.16 8.08
C ILE B 434 -13.86 -14.91 8.80
N GLY B 435 -13.21 -15.82 8.08
CA GLY B 435 -12.07 -16.55 8.60
C GLY B 435 -10.81 -15.73 8.38
N THR B 436 -9.72 -16.14 9.02
CA THR B 436 -8.53 -15.31 9.18
C THR B 436 -7.27 -16.17 9.16
N ASP B 437 -6.17 -15.64 8.64
CA ASP B 437 -4.94 -16.43 8.59
C ASP B 437 -4.32 -16.69 9.99
N VAL B 438 -5.05 -16.37 11.05
CA VAL B 438 -4.63 -16.56 12.43
C VAL B 438 -5.57 -17.50 13.17
N GLY B 439 -6.43 -18.19 12.43
CA GLY B 439 -7.41 -19.08 13.03
C GLY B 439 -8.53 -18.34 13.75
N THR B 440 -9.07 -17.30 13.12
CA THR B 440 -10.06 -16.54 13.77
C THR B 440 -11.23 -16.27 12.91
N VAL B 441 -12.40 -16.18 13.53
CA VAL B 441 -13.59 -15.80 12.79
C VAL B 441 -14.09 -14.45 13.27
N LEU B 442 -14.43 -13.56 12.33
CA LEU B 442 -15.10 -12.33 12.65
C LEU B 442 -16.55 -12.46 12.27
N LYS B 443 -17.46 -12.19 13.21
CA LYS B 443 -18.89 -12.12 12.92
C LYS B 443 -19.26 -10.68 12.80
N VAL B 444 -19.81 -10.30 11.66
CA VAL B 444 -19.98 -8.89 11.29
C VAL B 444 -21.40 -8.69 10.77
N VAL B 445 -22.07 -7.62 11.18
CA VAL B 445 -23.44 -7.36 10.68
C VAL B 445 -23.49 -6.12 9.80
N SER B 446 -24.00 -6.29 8.58
CA SER B 446 -24.23 -5.19 7.65
C SER B 446 -25.60 -4.60 7.93
N VAL B 447 -25.61 -3.54 8.73
CA VAL B 447 -26.84 -2.84 9.10
C VAL B 447 -26.97 -1.59 8.21
N PRO B 448 -28.02 -1.53 7.36
CA PRO B 448 -28.10 -0.38 6.43
C PRO B 448 -28.65 0.95 6.96
N LYS B 449 -28.44 1.99 6.13
CA LYS B 449 -28.81 3.37 6.38
C LYS B 449 -29.07 4.08 5.04
N LEU B 455 -23.65 1.69 4.29
CA LEU B 455 -23.83 0.62 5.26
C LEU B 455 -23.03 0.90 6.52
N GLU B 456 -23.43 0.27 7.62
CA GLU B 456 -22.63 0.21 8.83
C GLU B 456 -22.27 -1.27 9.08
N GLU B 457 -20.99 -1.59 9.15
CA GLU B 457 -20.58 -2.90 9.59
C GLU B 457 -20.46 -2.82 11.09
N VAL B 458 -20.98 -3.79 11.83
CA VAL B 458 -20.77 -3.81 13.28
C VAL B 458 -20.12 -5.13 13.63
N LEU B 459 -18.90 -5.05 14.13
CA LEU B 459 -18.13 -6.25 14.37
C LEU B 459 -18.59 -6.87 15.70
N LEU B 460 -19.59 -7.75 15.63
CA LEU B 460 -20.20 -8.32 16.82
C LEU B 460 -19.23 -9.08 17.69
N GLU B 461 -18.52 -10.04 17.09
CA GLU B 461 -17.54 -10.82 17.87
C GLU B 461 -16.36 -11.31 17.03
N GLU B 462 -15.27 -11.61 17.73
CA GLU B 462 -14.03 -12.13 17.14
C GLU B 462 -13.57 -13.38 17.93
N MET B 463 -13.81 -14.55 17.34
CA MET B 463 -13.63 -15.82 18.03
C MET B 463 -12.41 -16.56 17.52
N THR B 464 -11.75 -17.29 18.42
CA THR B 464 -10.61 -18.10 18.11
C THR B 464 -11.02 -19.54 18.15
N VAL B 465 -10.89 -20.25 17.04
CA VAL B 465 -11.49 -21.56 16.87
C VAL B 465 -10.51 -22.71 16.84
N PHE B 466 -9.21 -22.41 16.86
CA PHE B 466 -8.19 -23.44 16.97
C PHE B 466 -7.32 -23.17 18.17
N ARG B 467 -6.94 -24.21 18.91
CA ARG B 467 -6.03 -24.06 20.06
C ARG B 467 -4.85 -23.15 19.69
N GLU B 468 -4.19 -23.44 18.58
CA GLU B 468 -3.11 -22.60 18.05
C GLU B 468 -3.47 -21.94 16.74
N PRO B 469 -2.95 -20.74 16.51
CA PRO B 469 -3.18 -20.11 15.21
C PRO B 469 -2.77 -20.96 14.01
N THR B 470 -3.65 -21.05 13.02
CA THR B 470 -3.32 -21.57 11.68
C THR B 470 -4.17 -20.79 10.70
N THR B 471 -3.87 -20.84 9.40
CA THR B 471 -4.78 -20.15 8.47
C THR B 471 -6.05 -20.99 8.33
N ILE B 472 -7.18 -20.31 8.30
CA ILE B 472 -8.43 -20.97 7.98
C ILE B 472 -8.42 -21.12 6.49
N SER B 473 -8.63 -22.33 6.04
CA SER B 473 -8.61 -22.55 4.62
C SER B 473 -10.02 -22.74 4.06
N ALA B 474 -10.97 -23.19 4.88
CA ALA B 474 -12.32 -23.49 4.36
C ALA B 474 -13.36 -23.13 5.38
N MET B 475 -14.52 -22.68 4.90
CA MET B 475 -15.64 -22.30 5.75
C MET B 475 -16.91 -22.60 4.99
N GLU B 476 -17.80 -23.36 5.65
CA GLU B 476 -19.08 -23.70 5.10
C GLU B 476 -20.12 -23.56 6.18
N LEU B 477 -21.34 -23.36 5.71
CA LEU B 477 -22.46 -22.92 6.53
C LEU B 477 -23.70 -23.83 6.34
N SER B 478 -24.32 -24.24 7.43
CA SER B 478 -25.50 -25.07 7.35
C SER B 478 -26.64 -24.37 8.03
N THR B 479 -27.58 -23.87 7.25
CA THR B 479 -28.71 -23.19 7.84
C THR B 479 -29.63 -24.17 8.55
N LYS B 480 -29.84 -25.36 7.98
CA LYS B 480 -30.65 -26.39 8.65
C LYS B 480 -30.19 -26.66 10.08
N GLN B 481 -28.88 -26.77 10.27
CA GLN B 481 -28.31 -27.10 11.57
C GLN B 481 -27.92 -25.88 12.35
N GLN B 482 -27.96 -24.70 11.71
CA GLN B 482 -27.51 -23.47 12.33
C GLN B 482 -26.05 -23.59 12.79
N GLN B 483 -25.21 -24.10 11.90
CA GLN B 483 -23.81 -24.36 12.25
C GLN B 483 -22.85 -23.87 11.19
N LEU B 484 -21.61 -23.67 11.62
CA LEU B 484 -20.54 -23.18 10.78
C LEU B 484 -19.37 -24.13 10.90
N TYR B 485 -18.74 -24.46 9.78
CA TYR B 485 -17.69 -25.47 9.78
C TYR B 485 -16.42 -24.89 9.23
N ILE B 486 -15.28 -25.15 9.88
CA ILE B 486 -14.05 -24.49 9.49
C ILE B 486 -12.94 -25.49 9.18
N GLY B 487 -12.07 -25.15 8.21
CA GLY B 487 -10.94 -26.00 7.77
C GLY B 487 -9.53 -25.40 7.93
N SER B 488 -8.55 -26.30 8.01
CA SER B 488 -7.12 -25.94 8.14
C SER B 488 -6.32 -27.22 8.06
N THR B 489 -4.99 -27.14 8.00
CA THR B 489 -4.21 -28.38 8.01
C THR B 489 -4.23 -29.00 9.39
N ALA B 490 -4.56 -28.21 10.41
CA ALA B 490 -4.64 -28.73 11.78
C ALA B 490 -5.90 -29.56 12.04
N GLY B 491 -7.00 -29.25 11.37
CA GLY B 491 -8.22 -29.98 11.57
C GLY B 491 -9.45 -29.19 11.20
N VAL B 492 -10.58 -29.60 11.80
CA VAL B 492 -11.90 -29.04 11.49
C VAL B 492 -12.62 -28.61 12.77
N ALA B 493 -13.29 -27.46 12.69
CA ALA B 493 -13.98 -26.90 13.83
C ALA B 493 -15.45 -26.62 13.54
N GLN B 494 -16.26 -26.69 14.58
CA GLN B 494 -17.68 -26.55 14.42
C GLN B 494 -18.19 -25.44 15.32
N LEU B 495 -19.06 -24.60 14.78
CA LEU B 495 -19.62 -23.48 15.53
C LEU B 495 -21.13 -23.36 15.40
N PRO B 496 -21.82 -23.10 16.51
CA PRO B 496 -23.17 -22.60 16.37
C PRO B 496 -23.15 -21.21 15.77
N LEU B 497 -24.08 -20.92 14.86
CA LEU B 497 -24.18 -19.58 14.22
C LEU B 497 -24.56 -18.50 15.20
N HIS B 498 -25.06 -18.93 16.35
CA HIS B 498 -25.42 -18.03 17.42
C HIS B 498 -25.33 -18.81 18.73
N ARG B 499 -24.77 -18.17 19.76
CA ARG B 499 -25.08 -18.56 21.11
C ARG B 499 -25.45 -17.27 21.81
N CYS B 500 -26.75 -17.10 22.07
CA CYS B 500 -27.28 -15.84 22.56
C CYS B 500 -27.07 -15.62 24.05
N ASP B 501 -26.89 -16.72 24.80
CA ASP B 501 -26.53 -16.65 26.22
C ASP B 501 -25.29 -15.86 26.48
N ILE B 502 -24.33 -15.98 25.59
CA ILE B 502 -23.03 -15.33 25.73
C ILE B 502 -23.07 -13.83 26.04
N TYR B 503 -24.08 -13.13 25.57
CA TYR B 503 -24.23 -11.71 25.93
C TYR B 503 -24.72 -11.66 27.38
N GLY B 504 -25.34 -10.58 27.84
CA GLY B 504 -25.77 -10.52 29.24
C GLY B 504 -26.91 -11.45 29.65
N LYS B 505 -27.09 -11.60 30.97
CA LYS B 505 -28.33 -12.16 31.52
C LYS B 505 -29.42 -11.08 31.49
N ALA B 506 -29.00 -9.81 31.61
CA ALA B 506 -29.92 -8.68 31.59
C ALA B 506 -30.41 -8.40 30.17
N CYS B 507 -31.43 -7.57 30.07
CA CYS B 507 -31.96 -7.17 28.76
C CYS B 507 -31.00 -6.23 28.06
N ALA B 508 -30.61 -5.16 28.75
CA ALA B 508 -29.74 -4.14 28.18
C ALA B 508 -28.75 -4.76 27.20
N GLU B 509 -27.97 -5.70 27.70
CA GLU B 509 -26.87 -6.28 26.94
C GLU B 509 -27.31 -7.03 25.68
N CYS B 510 -28.30 -7.92 25.79
CA CYS B 510 -28.82 -8.67 24.62
C CYS B 510 -29.34 -7.77 23.49
N CYS B 511 -29.81 -6.59 23.86
CA CYS B 511 -30.31 -5.63 22.87
C CYS B 511 -29.13 -4.95 22.16
N LEU B 512 -28.21 -4.45 22.99
CA LEU B 512 -26.93 -3.84 22.59
C LEU B 512 -26.06 -4.65 21.66
N ALA B 513 -26.14 -5.96 21.78
CA ALA B 513 -25.29 -6.85 21.01
C ALA B 513 -25.48 -6.70 19.50
N ARG B 514 -26.64 -6.17 19.09
CA ARG B 514 -26.98 -5.93 17.68
C ARG B 514 -26.88 -7.22 16.87
N ASP B 515 -27.38 -8.33 17.42
CA ASP B 515 -27.25 -9.65 16.77
C ASP B 515 -28.57 -10.13 16.16
N PRO B 516 -28.68 -10.12 14.82
CA PRO B 516 -29.88 -10.56 14.13
C PRO B 516 -30.48 -11.86 14.68
N TYR B 517 -29.61 -12.78 15.08
CA TYR B 517 -30.04 -14.05 15.66
C TYR B 517 -30.67 -13.88 17.04
N CYS B 518 -30.16 -12.92 17.81
CA CYS B 518 -30.46 -12.82 19.22
C CYS B 518 -31.43 -11.71 19.58
N ALA B 519 -32.60 -12.11 20.05
CA ALA B 519 -33.57 -11.19 20.63
C ALA B 519 -33.75 -11.46 22.12
N TRP B 520 -34.26 -10.46 22.85
CA TRP B 520 -34.56 -10.61 24.28
C TRP B 520 -35.81 -11.45 24.51
N ASP B 521 -35.59 -12.53 25.24
CA ASP B 521 -36.59 -13.56 25.52
C ASP B 521 -37.78 -13.01 26.30
N GLY B 522 -37.47 -12.25 27.34
CA GLY B 522 -38.41 -11.90 28.40
C GLY B 522 -37.72 -12.36 29.66
N SER B 523 -37.45 -13.66 29.73
CA SER B 523 -36.71 -14.27 30.82
C SER B 523 -35.20 -14.12 30.62
N SER B 524 -34.65 -14.69 29.54
CA SER B 524 -33.24 -14.43 29.18
C SER B 524 -32.84 -14.69 27.72
N CYS B 525 -32.12 -13.71 27.15
CA CYS B 525 -31.62 -13.66 25.76
C CYS B 525 -31.45 -14.96 25.00
N SER B 526 -32.23 -15.15 23.92
CA SER B 526 -32.22 -16.39 23.14
C SER B 526 -32.51 -16.17 21.65
N ARG B 527 -32.53 -17.26 20.87
CA ARG B 527 -32.80 -17.20 19.43
C ARG B 527 -34.10 -16.44 19.12
N TYR B 528 -34.10 -15.71 18.01
CA TYR B 528 -35.29 -14.99 17.56
C TYR B 528 -36.00 -15.76 16.45
N PHE B 529 -37.30 -16.00 16.64
CA PHE B 529 -38.16 -16.58 15.59
C PHE B 529 -39.27 -15.59 15.21
N PRO B 530 -39.79 -15.67 13.96
CA PRO B 530 -41.07 -15.02 13.63
C PRO B 530 -42.26 -15.68 14.39
N THR B 531 -43.33 -14.99 14.76
CA THR B 531 -43.71 -13.66 14.25
C THR B 531 -42.94 -12.50 14.90
N THR B 536 -43.00 -9.69 25.48
CA THR B 536 -42.27 -10.83 24.93
C THR B 536 -40.93 -10.38 24.31
N ARG B 537 -40.91 -10.05 23.00
CA ARG B 537 -39.67 -9.96 22.21
C ARG B 537 -39.20 -8.56 21.70
N ALA B 538 -37.89 -8.28 21.83
CA ALA B 538 -37.39 -6.90 21.75
C ALA B 538 -35.88 -6.76 21.47
N GLN B 539 -35.49 -6.91 20.21
CA GLN B 539 -34.15 -6.56 19.74
C GLN B 539 -34.12 -5.23 18.99
N ASP B 540 -32.92 -4.67 18.85
CA ASP B 540 -32.69 -3.46 18.05
C ASP B 540 -31.38 -3.59 17.30
N ILE B 541 -31.48 -3.79 15.99
CA ILE B 541 -30.32 -4.06 15.15
C ILE B 541 -29.72 -2.76 14.63
N ARG B 542 -30.56 -1.88 14.07
CA ARG B 542 -30.13 -0.51 13.77
C ARG B 542 -29.87 0.10 15.13
N ASN B 543 -29.03 1.13 15.21
CA ASN B 543 -28.93 1.93 16.45
C ASN B 543 -28.63 1.12 17.72
N GLY B 544 -29.53 0.22 18.09
CA GLY B 544 -29.32 -0.66 19.21
C GLY B 544 -29.15 0.07 20.54
N ASP B 545 -30.16 0.86 20.94
CA ASP B 545 -30.17 1.41 22.29
C ASP B 545 -31.19 0.67 23.16
N PRO B 546 -30.78 0.27 24.37
CA PRO B 546 -31.64 -0.51 25.24
C PRO B 546 -32.78 0.31 25.83
N LEU B 547 -32.62 1.64 25.87
CA LEU B 547 -33.62 2.52 26.46
C LEU B 547 -34.96 2.35 25.77
N THR B 548 -35.03 2.67 24.48
CA THR B 548 -36.31 2.63 23.78
C THR B 548 -36.81 1.21 23.46
N HIS B 549 -36.13 0.18 23.98
CA HIS B 549 -36.44 -1.21 23.65
C HIS B 549 -36.51 -2.15 24.84
N CYS B 550 -35.58 -2.03 25.78
CA CYS B 550 -35.71 -2.70 27.08
C CYS B 550 -36.46 -1.74 28.00
N SER B 551 -37.60 -2.21 28.51
CA SER B 551 -38.47 -1.38 29.34
C SER B 551 -38.26 -1.64 30.84
N ASP B 552 -37.04 -1.99 31.22
CA ASP B 552 -36.67 -1.93 32.63
C ASP B 552 -36.18 -0.51 32.96
N UNK B 582 -11.43 -3.43 36.48
CA UNK B 582 -12.62 -3.49 35.63
C UNK B 582 -12.19 -3.82 34.19
N UNK B 583 -13.09 -4.45 33.41
CA UNK B 583 -13.12 -4.68 31.95
C UNK B 583 -14.42 -5.38 31.58
N UNK B 584 -15.37 -4.66 30.94
CA UNK B 584 -16.53 -5.31 30.27
C UNK B 584 -15.97 -5.81 28.93
N UNK B 585 -16.77 -6.51 28.14
CA UNK B 585 -16.40 -6.73 26.75
C UNK B 585 -16.45 -5.39 25.96
N UNK B 586 -15.41 -5.12 25.16
CA UNK B 586 -15.00 -3.74 24.68
C UNK B 586 -16.05 -2.87 23.92
N UNK B 587 -15.62 -1.70 23.44
CA UNK B 587 -16.49 -0.70 22.75
C UNK B 587 -17.31 0.22 23.70
N UNK B 588 -17.33 -0.13 25.00
CA UNK B 588 -17.80 0.76 26.07
C UNK B 588 -16.63 1.46 26.80
N UNK B 589 -16.72 2.80 26.95
CA UNK B 589 -15.72 3.57 27.72
C UNK B 589 -16.11 3.50 29.20
N UNK B 590 -15.10 3.48 30.11
CA UNK B 590 -15.33 3.36 31.57
C UNK B 590 -15.01 4.63 32.38
N UNK B 591 -15.89 4.97 33.34
CA UNK B 591 -15.77 6.17 34.21
C UNK B 591 -15.87 5.77 35.71
N UNK B 592 -14.89 6.20 36.53
CA UNK B 592 -14.90 5.98 37.99
C UNK B 592 -15.28 7.34 38.68
N UNK B 593 -16.11 7.29 39.72
CA UNK B 593 -16.74 8.51 40.26
C UNK B 593 -15.94 9.13 41.40
N UNK B 632 -18.15 2.73 42.33
CA UNK B 632 -18.91 3.07 41.12
C UNK B 632 -18.02 3.15 39.87
N UNK B 633 -17.87 2.04 39.12
CA UNK B 633 -17.32 2.05 37.73
C UNK B 633 -18.51 2.19 36.77
N UNK B 634 -18.25 2.75 35.59
CA UNK B 634 -19.32 3.04 34.60
C UNK B 634 -18.96 2.47 33.21
N UNK B 635 -19.94 2.35 32.33
CA UNK B 635 -19.70 1.85 30.97
C UNK B 635 -20.75 2.43 30.00
N UNK B 636 -20.28 3.12 28.98
CA UNK B 636 -21.20 3.77 28.02
C UNK B 636 -20.57 4.01 26.63
N UNK B 637 -21.42 4.14 25.61
CA UNK B 637 -21.01 4.67 24.27
C UNK B 637 -22.16 4.69 23.25
N UNK B 644 -25.83 3.91 24.50
CA UNK B 644 -26.37 4.12 25.85
C UNK B 644 -25.35 3.79 26.95
N UNK B 645 -25.70 4.24 28.16
CA UNK B 645 -24.86 4.11 29.36
C UNK B 645 -25.49 3.16 30.38
N UNK B 646 -24.66 2.60 31.27
CA UNK B 646 -25.12 1.75 32.37
C UNK B 646 -23.97 1.56 33.39
N UNK B 647 -24.21 1.82 34.67
CA UNK B 647 -23.17 1.69 35.71
C UNK B 647 -22.66 0.24 35.88
N UNK B 648 -21.56 0.09 36.63
CA UNK B 648 -21.04 -1.22 37.06
C UNK B 648 -20.67 -1.14 38.53
C1 NAG C . 2.84 42.38 13.46
C2 NAG C . 3.10 43.67 12.72
C3 NAG C . 4.39 44.30 13.18
C4 NAG C . 4.37 44.63 14.68
C5 NAG C . 3.87 43.42 15.49
C6 NAG C . 3.09 43.87 16.73
C7 NAG C . 2.38 43.78 10.38
C8 NAG C . 1.12 44.56 10.70
N2 NAG C . 3.24 43.40 11.32
O3 NAG C . 4.54 45.46 12.39
O4 NAG C . 5.67 44.95 15.18
O5 NAG C . 2.95 42.54 14.87
O6 NAG C . 3.20 42.87 17.71
O7 NAG C . 2.61 43.49 9.21
C1 NAG C . 5.87 46.37 15.37
C2 NAG C . 7.14 46.61 16.20
C3 NAG C . 7.28 48.10 16.43
C4 NAG C . 7.66 48.70 15.08
C5 NAG C . 6.51 48.38 14.11
C6 NAG C . 6.94 48.78 12.71
C7 NAG C . 6.73 45.02 18.13
C8 NAG C . 7.46 44.38 19.28
N2 NAG C . 7.47 45.83 17.40
O3 NAG C . 8.33 48.27 17.34
O4 NAG C . 7.95 50.11 15.08
O5 NAG C . 6.15 47.00 14.14
O6 NAG C . 6.85 47.69 11.83
O7 NAG C . 5.56 44.80 17.92
C1 BMA C . 9.29 50.29 15.66
C2 BMA C . 10.27 51.13 14.83
C3 BMA C . 10.33 52.56 15.37
C4 BMA C . 10.76 52.59 16.84
C5 BMA C . 10.45 51.27 17.54
C6 BMA C . 10.36 51.38 19.08
O2 BMA C . 9.91 51.09 13.45
O3 BMA C . 9.03 53.18 15.21
O4 BMA C . 12.18 52.80 16.92
O5 BMA C . 9.20 50.81 17.00
O6 BMA C . 11.23 50.42 19.74
C1 MAN C . 9.07 53.96 13.99
C2 MAN C . 7.78 54.72 13.74
C3 MAN C . 7.91 55.58 12.47
C4 MAN C . 9.22 55.40 11.68
C5 MAN C . 9.90 54.03 11.80
C6 MAN C . 11.41 54.15 12.04
O2 MAN C . 7.49 55.49 14.91
O3 MAN C . 7.78 56.94 12.80
O4 MAN C . 8.92 55.56 10.32
O5 MAN C . 9.34 53.23 12.82
O6 MAN C . 12.07 54.13 10.79
C1 NAG D . 24.30 43.99 -4.10
C2 NAG D . 25.18 45.24 -4.25
C3 NAG D . 24.41 46.54 -3.99
C4 NAG D . 23.06 46.57 -4.69
C5 NAG D . 22.33 45.27 -4.41
C6 NAG D . 21.03 45.25 -5.19
C7 NAG D . 27.43 44.52 -3.48
C8 NAG D . 27.84 43.96 -4.81
N2 NAG D . 26.24 45.11 -3.28
O3 NAG D . 25.17 47.68 -4.35
O4 NAG D . 22.32 47.68 -4.22
O5 NAG D . 23.10 44.15 -4.83
O6 NAG D . 21.27 44.86 -6.52
O7 NAG D . 28.27 44.43 -2.57
C1 NAG D . 22.21 48.76 -5.16
C2 NAG D . 21.93 50.03 -4.35
C3 NAG D . 22.57 51.33 -4.91
C4 NAG D . 23.09 51.31 -6.36
C5 NAG D . 23.07 49.90 -6.97
C6 NAG D . 24.07 49.75 -8.12
C7 NAG D . 19.67 49.30 -3.57
C8 NAG D . 18.26 49.78 -3.34
N2 NAG D . 20.51 50.23 -4.05
O3 NAG D . 23.64 51.73 -4.06
O4 NAG D . 22.38 52.24 -7.17
O5 NAG D . 23.36 48.96 -5.95
O6 NAG D . 24.11 48.40 -8.53
O7 NAG D . 19.99 48.14 -3.32
C1 NAG E . -4.13 -43.37 8.95
C2 NAG E . -4.14 -44.67 8.16
C3 NAG E . -5.47 -45.41 8.26
C4 NAG E . -5.69 -45.80 9.73
C5 NAG E . -5.46 -44.58 10.64
C6 NAG E . -5.11 -45.05 12.04
C7 NAG E . -2.72 -44.66 6.18
C8 NAG E . -1.49 -45.14 6.94
N2 NAG E . -3.88 -44.44 6.77
O3 NAG E . -5.39 -46.57 7.45
O4 NAG E . -7.01 -46.27 9.99
O5 NAG E . -4.41 -43.69 10.29
O6 NAG E . -5.45 -43.99 12.89
O7 NAG E . -2.64 -44.45 4.98
C1 NAG E . -7.15 -47.71 9.84
C2 NAG E . -8.34 -48.21 10.66
C3 NAG E . -8.64 -49.67 10.34
C4 NAG E . -8.64 -50.01 8.83
C5 NAG E . -7.42 -49.39 8.15
C6 NAG E . -7.48 -49.62 6.64
C7 NAG E . -8.22 -47.02 12.85
C8 NAG E . -8.07 -47.19 14.33
N2 NAG E . -8.20 -48.14 12.12
O3 NAG E . -9.88 -49.91 10.98
O4 NAG E . -8.63 -51.40 8.50
O5 NAG E . -7.33 -48.01 8.47
O6 NAG E . -7.47 -48.41 5.90
O7 NAG E . -8.35 -45.89 12.41
C1 BMA E . -9.98 -51.95 8.59
C2 BMA E . -10.43 -52.57 7.29
C3 BMA E . -11.74 -53.39 7.45
C4 BMA E . -12.37 -53.49 8.88
C5 BMA E . -11.57 -52.83 10.03
C6 BMA E . -11.80 -53.44 11.43
O2 BMA E . -9.36 -53.37 6.78
O3 BMA E . -11.54 -54.69 6.87
O4 BMA E . -13.65 -52.85 8.86
O5 BMA E . -10.18 -52.89 9.66
O6 BMA E . -12.98 -52.94 12.09
C1 MAN E . -12.86 -51.62 12.68
C2 MAN E . -12.57 -51.62 14.19
C3 MAN E . -12.15 -50.19 14.63
C4 MAN E . -12.43 -49.13 13.55
C5 MAN E . -13.83 -49.39 12.95
C6 MAN E . -14.19 -48.37 11.87
O2 MAN E . -11.60 -52.60 14.52
O3 MAN E . -10.79 -50.12 14.99
O4 MAN E . -12.36 -47.82 14.07
O5 MAN E . -13.98 -50.74 12.49
O6 MAN E . -15.51 -47.94 12.11
CA CA F . 14.69 20.64 4.21
CA CA G . 18.12 27.57 0.49
CA CA H . 1.72 32.17 14.84
C ACT I . 18.69 15.43 22.48
O ACT I . 18.67 14.60 23.43
OXT ACT I . 18.22 16.57 22.62
CH3 ACT I . 19.29 15.12 21.13
CA CA J . -14.84 -20.90 0.75
CA CA K . -17.92 -26.96 -4.39
C1 NAG L . -23.15 -43.26 -10.61
C2 NAG L . -24.03 -44.37 -11.14
C3 NAG L . -23.46 -45.72 -10.74
C4 NAG L . -22.12 -45.98 -11.44
C5 NAG L . -21.25 -44.72 -11.24
C6 NAG L . -20.16 -44.78 -12.32
C7 NAG L . -26.38 -43.71 -11.54
C8 NAG L . -26.15 -43.41 -13.03
N2 NAG L . -25.40 -44.14 -10.74
O3 NAG L . -24.34 -46.72 -11.16
O4 NAG L . -21.46 -47.18 -11.01
O5 NAG L . -21.94 -43.46 -11.32
O6 NAG L . -19.20 -43.77 -12.12
O7 NAG L . -27.48 -43.56 -11.02
C ACT M . -20.97 -17.87 18.38
O ACT M . -20.94 -19.12 18.21
OXT ACT M . -20.60 -17.31 19.44
CH3 ACT M . -21.50 -17.02 17.26
#